data_4TXG
#
_entry.id   4TXG
#
_cell.length_a   126.866
_cell.length_b   126.866
_cell.length_c   93.815
_cell.angle_alpha   90.000
_cell.angle_beta   90.000
_cell.angle_gamma   120.000
#
_symmetry.space_group_name_H-M   'P 61'
#
loop_
_entity.id
_entity.type
_entity.pdbx_description
1 polymer Chitinase
2 non-polymer 'CESIUM ION'
3 water water
#
_entity_poly.entity_id   1
_entity_poly.type   'polypeptide(L)'
_entity_poly.pdbx_seq_one_letter_code
;MSKTLMLVKSGLAAGAMGGVALVAGTAQNVAPPPAALAPSYLVKTADSSCADPAWNAAAVYTGGQRVSYQNQTWQAKWWT
QGNTPAAGDASPWQLIGQCGGGTPSDPPLVQVPPPTGNALCRPEALAQTQGVDVPYCAVYKQGGAEQLANGSRRRIIGYF
TSWRTGKDGSPAYLASDIPWSKLTHINYAFAHVDGSNKLSVNETAPGNPATDMSWPGVAGAEMDASLPYKGHFNLLTQYK
RKYPGVKTLISVGGWAETGGYFDANGKRVASGGFYSMTVNADGTVNQAGINAFSDSAVAFLRKYGFDGVDIDFEYPTSMN
NAGNPLDWTFSNARLGSLNKGYVALLQTLRDRLDRAAAQDGRYYQITAAVPASGYLLRGMETFQGLKYLDFVNVMSYDLH
GAWNRFVGPNAALYDDGKDAELAFWNVYSTPQYGNIGYLNTDWAYHYYRGGLPASRVNMGVPYYTRGWKNVSGGSNGLWG
SSVGSNCPAGLTECGDGAVGIDNIWHDLDDSGKEIPGGSNPMWHAKNLEKGLAGSYLAAYGIDPTLPINQLTGSYQRNYN
GALAAPWLWNAGKKVFLSTEDEQSIAQKAAWIDANNVGGVMFWELAGDYDWKAQRNNGQGEYFIGTTLTSLLYNTFSQPP
KVSARRADAAPAPTAAIDVGFSLGGFKLGDQNYPINPKLTIVNRSQTTLPGGTEFQFDVPTSAPANIADQSGFGLKVVSA
GHSGSNVGGLKGDFNRVSVKLPSWQSLGAGQSVTLDVVYYLPISGPSHYTVGLNGKTYAIRDEAPYLPYLRVL
;
_entity_poly.pdbx_strand_id   A
#
loop_
_chem_comp.id
_chem_comp.type
_chem_comp.name
_chem_comp.formula
CS non-polymer 'CESIUM ION' 'Cs 1'
#
# COMPACT_ATOMS: atom_id res chain seq x y z
N PRO A 107 6.63 12.30 42.46
CA PRO A 107 8.07 12.32 42.14
C PRO A 107 8.44 13.48 41.24
N PRO A 108 9.55 14.16 41.54
CA PRO A 108 10.02 15.27 40.68
C PRO A 108 10.29 14.81 39.26
N LEU A 109 9.95 15.63 38.29
CA LEU A 109 10.18 15.31 36.89
C LEU A 109 11.11 16.32 36.24
N VAL A 110 11.68 15.93 35.10
CA VAL A 110 12.52 16.82 34.32
C VAL A 110 11.70 17.51 33.24
N GLN A 111 11.74 18.84 33.23
CA GLN A 111 10.97 19.63 32.29
C GLN A 111 11.62 19.64 30.90
N VAL A 112 10.77 19.59 29.89
CA VAL A 112 11.18 19.60 28.50
C VAL A 112 10.60 20.84 27.82
N PRO A 113 11.42 21.56 27.04
CA PRO A 113 10.92 22.68 26.23
C PRO A 113 9.82 22.24 25.27
N PRO A 114 8.68 22.96 25.25
CA PRO A 114 7.54 22.60 24.39
C PRO A 114 7.87 22.75 22.92
N PRO A 115 7.12 22.04 22.05
CA PRO A 115 7.34 22.20 20.61
C PRO A 115 6.94 23.59 20.14
N THR A 116 7.70 24.17 19.22
CA THR A 116 7.33 25.46 18.65
C THR A 116 7.45 25.43 17.14
N GLY A 117 6.91 26.45 16.49
CA GLY A 117 7.00 26.59 15.06
C GLY A 117 6.52 25.36 14.30
N ASN A 118 7.34 24.90 13.36
CA ASN A 118 6.97 23.78 12.51
C ASN A 118 6.73 22.47 13.25
N ALA A 119 7.34 22.34 14.42
CA ALA A 119 7.17 21.12 15.20
C ALA A 119 5.72 20.93 15.66
N LEU A 120 4.97 22.02 15.70
CA LEU A 120 3.56 21.95 16.09
C LEU A 120 2.68 21.33 14.99
N CYS A 121 3.25 21.14 13.80
CA CYS A 121 2.50 20.57 12.68
C CYS A 121 3.01 19.19 12.26
N ARG A 122 3.86 18.58 13.06
CA ARG A 122 4.39 17.27 12.68
C ARG A 122 3.29 16.21 12.78
N PRO A 123 3.10 15.39 11.73
CA PRO A 123 2.13 14.30 11.80
C PRO A 123 2.38 13.38 12.99
N GLU A 124 1.29 12.91 13.61
CA GLU A 124 1.40 12.02 14.75
C GLU A 124 2.31 10.82 14.46
N ALA A 125 3.28 10.59 15.35
CA ALA A 125 4.19 9.45 15.32
C ALA A 125 5.20 9.46 14.16
N LEU A 126 5.22 10.51 13.35
CA LEU A 126 6.21 10.58 12.27
C LEU A 126 7.61 10.85 12.84
N ALA A 127 8.59 10.10 12.36
CA ALA A 127 9.96 10.29 12.81
C ALA A 127 10.57 11.51 12.13
N GLN A 128 10.89 12.55 12.91
CA GLN A 128 11.54 13.70 12.32
C GLN A 128 13.05 13.61 12.45
N THR A 129 13.74 14.13 11.44
CA THR A 129 15.19 14.26 11.48
C THR A 129 15.59 15.29 12.53
N GLN A 130 16.22 14.82 13.61
CA GLN A 130 16.51 15.64 14.78
C GLN A 130 17.22 16.97 14.47
N GLY A 131 16.62 18.06 14.95
CA GLY A 131 17.23 19.37 14.86
C GLY A 131 16.97 20.12 13.56
N VAL A 132 16.63 19.40 12.50
CA VAL A 132 16.38 20.03 11.21
C VAL A 132 15.04 20.74 11.23
N ASP A 133 15.02 21.99 10.76
CA ASP A 133 13.80 22.78 10.76
C ASP A 133 12.90 22.37 9.59
N VAL A 134 12.32 21.19 9.70
CA VAL A 134 11.47 20.65 8.64
C VAL A 134 10.18 21.45 8.56
N PRO A 135 9.85 21.99 7.37
CA PRO A 135 8.72 22.90 7.21
C PRO A 135 7.35 22.20 7.17
N TYR A 136 6.97 21.53 8.25
CA TYR A 136 5.71 20.78 8.27
C TYR A 136 4.48 21.65 8.02
N CYS A 137 4.52 22.90 8.46
CA CYS A 137 3.33 23.73 8.41
C CYS A 137 3.01 24.17 6.98
N ALA A 138 3.91 23.87 6.05
CA ALA A 138 3.64 24.12 4.63
C ALA A 138 2.60 23.14 4.06
N VAL A 139 2.46 21.97 4.68
CA VAL A 139 1.62 20.90 4.16
C VAL A 139 0.63 20.39 5.22
N TYR A 140 1.00 20.57 6.50
CA TYR A 140 0.18 20.07 7.60
C TYR A 140 -0.36 21.17 8.49
N LYS A 141 -1.47 20.85 9.15
CA LYS A 141 -2.10 21.76 10.11
C LYS A 141 -1.45 21.58 11.47
N GLN A 142 -1.73 22.49 12.40
CA GLN A 142 -1.28 22.25 13.77
C GLN A 142 -1.97 20.98 14.25
N GLY A 143 -1.20 20.06 14.80
CA GLY A 143 -1.70 18.76 15.17
C GLY A 143 -1.35 17.68 14.15
N GLY A 144 -0.88 18.08 12.97
CA GLY A 144 -0.32 17.14 12.02
C GLY A 144 -1.22 16.62 10.91
N ALA A 145 -2.50 16.98 10.90
CA ALA A 145 -3.39 16.55 9.83
C ALA A 145 -3.02 17.28 8.55
N GLU A 146 -3.20 16.61 7.41
CA GLU A 146 -2.76 17.17 6.13
C GLU A 146 -3.74 18.23 5.59
N GLN A 147 -3.19 19.31 5.07
CA GLN A 147 -3.99 20.28 4.33
C GLN A 147 -4.30 19.68 2.97
N LEU A 148 -5.57 19.29 2.76
CA LEU A 148 -5.93 18.56 1.55
C LEU A 148 -6.62 19.42 0.49
N ALA A 149 -6.31 19.12 -0.77
CA ALA A 149 -6.86 19.85 -1.90
C ALA A 149 -8.38 19.70 -2.02
N ASN A 150 -8.99 20.67 -2.69
CA ASN A 150 -10.37 20.56 -3.14
C ASN A 150 -11.39 20.34 -2.02
N GLY A 151 -11.05 20.76 -0.80
CA GLY A 151 -11.98 20.69 0.31
C GLY A 151 -12.32 19.28 0.77
N SER A 152 -11.47 18.31 0.45
CA SER A 152 -11.75 16.93 0.82
C SER A 152 -11.35 16.60 2.25
N ARG A 153 -12.17 15.79 2.91
CA ARG A 153 -11.89 15.24 4.24
C ARG A 153 -10.91 14.07 4.20
N ARG A 154 -10.79 13.44 3.03
CA ARG A 154 -9.98 12.24 2.86
C ARG A 154 -9.00 12.41 1.71
N ARG A 155 -7.85 11.75 1.80
CA ARG A 155 -6.99 11.70 0.63
C ARG A 155 -7.71 10.91 -0.46
N ILE A 156 -7.52 11.35 -1.71
CA ILE A 156 -8.03 10.68 -2.88
C ILE A 156 -6.84 10.63 -3.83
N ILE A 157 -6.19 9.48 -3.86
CA ILE A 157 -4.89 9.34 -4.51
C ILE A 157 -5.01 8.49 -5.76
N GLY A 158 -4.75 9.09 -6.92
CA GLY A 158 -4.87 8.34 -8.15
C GLY A 158 -3.52 8.03 -8.76
N TYR A 159 -3.31 6.77 -9.14
CA TYR A 159 -2.15 6.40 -9.91
C TYR A 159 -2.36 6.72 -11.38
N PHE A 160 -1.40 7.46 -11.95
CA PHE A 160 -1.37 7.79 -13.37
C PHE A 160 -0.27 7.01 -14.05
N THR A 161 -0.62 6.14 -14.98
CA THR A 161 0.38 5.33 -15.66
C THR A 161 0.94 6.04 -16.86
N SER A 162 2.25 5.87 -17.09
CA SER A 162 2.97 6.61 -18.14
C SER A 162 2.75 6.07 -19.54
N TRP A 163 2.20 4.85 -19.64
CA TRP A 163 2.25 4.15 -20.91
C TRP A 163 1.01 4.24 -21.79
N ARG A 164 0.02 5.04 -21.40
CA ARG A 164 -1.17 5.19 -22.25
C ARG A 164 -1.11 6.49 -23.05
N THR A 165 -0.09 6.56 -23.90
CA THR A 165 0.22 7.77 -24.65
C THR A 165 -0.60 7.87 -25.92
N GLY A 166 -1.21 6.77 -26.31
CA GLY A 166 -1.98 6.71 -27.53
C GLY A 166 -1.18 6.67 -28.82
N LYS A 167 0.14 6.61 -28.72
CA LYS A 167 0.98 6.71 -29.93
C LYS A 167 0.85 5.47 -30.83
N ASP A 168 0.45 4.34 -30.26
CA ASP A 168 0.26 3.12 -31.05
C ASP A 168 -1.17 3.00 -31.55
N GLY A 169 -2.00 3.98 -31.26
CA GLY A 169 -3.38 3.98 -31.71
C GLY A 169 -4.39 3.51 -30.69
N SER A 170 -3.91 2.98 -29.56
CA SER A 170 -4.82 2.57 -28.48
C SER A 170 -5.31 3.81 -27.73
N PRO A 171 -6.40 3.67 -26.94
CA PRO A 171 -6.91 4.82 -26.17
C PRO A 171 -5.86 5.46 -25.27
N ALA A 172 -5.71 6.77 -25.39
CA ALA A 172 -4.75 7.51 -24.57
C ALA A 172 -5.41 7.97 -23.29
N TYR A 173 -4.60 8.08 -22.24
CA TYR A 173 -5.02 8.75 -21.03
C TYR A 173 -3.89 9.66 -20.61
N LEU A 174 -4.11 10.95 -20.80
CA LEU A 174 -3.06 11.96 -20.61
C LEU A 174 -3.28 12.73 -19.32
N ALA A 175 -2.28 13.51 -18.92
CA ALA A 175 -2.37 14.22 -17.65
C ALA A 175 -3.53 15.22 -17.70
N SER A 176 -3.88 15.65 -18.90
CA SER A 176 -5.00 16.55 -19.10
C SER A 176 -6.37 15.88 -18.93
N ASP A 177 -6.40 14.53 -18.86
CA ASP A 177 -7.64 13.78 -18.68
C ASP A 177 -7.95 13.50 -17.21
N ILE A 178 -6.98 13.78 -16.35
CA ILE A 178 -7.11 13.59 -14.91
C ILE A 178 -8.19 14.50 -14.33
N PRO A 179 -9.04 13.96 -13.42
CA PRO A 179 -10.00 14.81 -12.71
C PRO A 179 -9.35 15.62 -11.58
N TRP A 180 -8.58 16.63 -11.96
CA TRP A 180 -7.81 17.42 -11.02
C TRP A 180 -8.64 18.03 -9.89
N SER A 181 -9.90 18.38 -10.18
CA SER A 181 -10.74 19.05 -9.19
C SER A 181 -11.34 18.08 -8.16
N LYS A 182 -11.05 16.79 -8.32
CA LYS A 182 -11.67 15.77 -7.46
C LYS A 182 -10.66 14.88 -6.76
N LEU A 183 -9.38 15.22 -6.89
CA LEU A 183 -8.29 14.45 -6.27
C LEU A 183 -7.50 15.25 -5.24
N THR A 184 -6.70 14.57 -4.43
CA THR A 184 -5.78 15.28 -3.54
C THR A 184 -4.32 15.01 -3.89
N HIS A 185 -4.04 13.81 -4.42
CA HIS A 185 -2.68 13.39 -4.79
C HIS A 185 -2.70 12.59 -6.09
N ILE A 186 -1.65 12.77 -6.88
CA ILE A 186 -1.44 11.95 -8.08
C ILE A 186 -0.06 11.31 -8.02
N ASN A 187 -0.03 9.99 -8.18
CA ASN A 187 1.20 9.24 -8.22
C ASN A 187 1.54 8.88 -9.66
N TYR A 188 2.73 9.27 -10.12
CA TYR A 188 3.16 8.94 -11.47
C TYR A 188 3.89 7.60 -11.50
N ALA A 189 3.39 6.68 -12.32
CA ALA A 189 3.94 5.33 -12.42
C ALA A 189 4.54 5.07 -13.79
N PHE A 190 5.81 4.65 -13.90
CA PHE A 190 6.77 4.42 -12.80
C PHE A 190 8.14 4.97 -13.12
N ALA A 191 8.85 5.44 -12.09
CA ALA A 191 10.30 5.54 -12.16
C ALA A 191 10.89 4.19 -11.74
N HIS A 192 12.18 4.00 -12.01
CA HIS A 192 12.87 2.79 -11.60
C HIS A 192 14.21 3.17 -10.99
N VAL A 193 14.88 2.17 -10.43
CA VAL A 193 16.25 2.33 -9.93
C VAL A 193 17.20 1.91 -11.04
N ASP A 194 18.03 2.83 -11.52
CA ASP A 194 18.82 2.49 -12.69
C ASP A 194 20.14 1.83 -12.28
N GLY A 195 20.99 1.55 -13.27
CA GLY A 195 22.24 0.85 -13.06
C GLY A 195 23.25 1.57 -12.18
N SER A 196 23.01 2.86 -11.95
CA SER A 196 23.87 3.64 -11.07
C SER A 196 23.17 3.90 -9.73
N ASN A 197 22.12 3.13 -9.49
CA ASN A 197 21.31 3.20 -8.28
C ASN A 197 20.59 4.53 -8.11
N LYS A 198 20.29 5.19 -9.22
CA LYS A 198 19.60 6.46 -9.18
C LYS A 198 18.18 6.35 -9.67
N LEU A 199 17.31 7.19 -9.11
CA LEU A 199 15.93 7.28 -9.55
C LEU A 199 15.90 7.73 -11.03
N SER A 200 15.16 7.01 -11.89
CA SER A 200 15.18 7.34 -13.31
C SER A 200 13.83 7.13 -13.99
N VAL A 201 13.49 8.00 -14.93
CA VAL A 201 12.39 7.76 -15.86
C VAL A 201 12.92 7.80 -17.30
N ASN A 202 14.22 7.55 -17.46
CA ASN A 202 14.88 7.67 -18.77
C ASN A 202 14.62 9.04 -19.38
N GLU A 203 14.71 10.07 -18.54
CA GLU A 203 14.45 11.44 -18.97
C GLU A 203 15.34 11.89 -20.15
N THR A 204 16.49 11.24 -20.34
CA THR A 204 17.38 11.63 -21.43
C THR A 204 17.15 10.85 -22.72
N ALA A 205 16.25 9.86 -22.68
CA ALA A 205 15.98 9.07 -23.89
C ALA A 205 15.05 9.84 -24.83
N PRO A 206 15.47 9.98 -26.09
CA PRO A 206 14.62 10.66 -27.09
C PRO A 206 13.26 9.98 -27.20
N GLY A 207 12.19 10.77 -27.13
CA GLY A 207 10.85 10.25 -27.28
C GLY A 207 10.24 9.71 -26.01
N ASN A 208 10.95 9.78 -24.89
CA ASN A 208 10.40 9.23 -23.65
C ASN A 208 9.14 10.01 -23.22
N PRO A 209 8.13 9.30 -22.68
CA PRO A 209 6.83 9.93 -22.40
C PRO A 209 6.86 10.91 -21.23
N ALA A 210 7.79 10.75 -20.29
CA ALA A 210 7.85 11.64 -19.14
C ALA A 210 8.25 13.07 -19.54
N THR A 211 9.25 13.19 -20.39
CA THR A 211 9.84 14.52 -20.65
C THR A 211 10.08 14.86 -22.11
N ASP A 212 9.82 13.94 -23.03
CA ASP A 212 10.12 14.22 -24.44
C ASP A 212 9.06 13.70 -25.39
N MET A 213 7.82 14.11 -25.15
CA MET A 213 6.70 13.67 -25.96
C MET A 213 5.70 14.81 -26.03
N SER A 214 4.97 14.90 -27.13
CA SER A 214 3.93 15.91 -27.24
C SER A 214 2.73 15.31 -27.95
N TRP A 215 1.60 16.00 -27.87
CA TRP A 215 0.34 15.51 -28.41
C TRP A 215 -0.33 16.60 -29.22
N PRO A 216 0.20 16.86 -30.43
CA PRO A 216 -0.29 17.92 -31.32
C PRO A 216 -1.77 17.75 -31.57
N GLY A 217 -2.53 18.83 -31.44
CA GLY A 217 -3.95 18.81 -31.78
C GLY A 217 -4.86 18.29 -30.70
N VAL A 218 -4.31 17.77 -29.62
CA VAL A 218 -5.12 17.32 -28.51
C VAL A 218 -5.39 18.49 -27.55
N ALA A 219 -6.65 18.92 -27.50
CA ALA A 219 -7.04 20.07 -26.69
C ALA A 219 -6.78 19.80 -25.22
N GLY A 220 -6.12 20.75 -24.56
CA GLY A 220 -5.79 20.60 -23.16
C GLY A 220 -4.43 19.99 -22.90
N ALA A 221 -3.79 19.46 -23.95
CA ALA A 221 -2.50 18.78 -23.79
C ALA A 221 -1.33 19.60 -24.34
N GLU A 222 -1.58 20.88 -24.58
CA GLU A 222 -0.57 21.77 -25.14
C GLU A 222 0.62 21.94 -24.18
N MET A 223 1.82 21.95 -24.75
CA MET A 223 3.04 22.08 -23.97
C MET A 223 3.29 23.52 -23.55
N ASP A 224 3.77 23.69 -22.34
CA ASP A 224 4.28 24.98 -21.86
C ASP A 224 5.71 25.13 -22.36
N ALA A 225 5.93 26.09 -23.27
CA ALA A 225 7.25 26.26 -23.86
C ALA A 225 8.30 26.73 -22.85
N SER A 226 7.86 27.19 -21.69
CA SER A 226 8.78 27.77 -20.70
C SER A 226 9.38 26.73 -19.75
N LEU A 227 8.97 25.47 -19.90
CA LEU A 227 9.56 24.39 -19.10
C LEU A 227 10.60 23.65 -19.91
N PRO A 228 11.72 23.26 -19.27
CA PRO A 228 12.82 22.61 -20.00
C PRO A 228 12.61 21.10 -20.14
N TYR A 229 11.34 20.72 -20.27
CA TYR A 229 10.94 19.34 -20.51
C TYR A 229 9.57 19.37 -21.15
N LYS A 230 9.26 18.33 -21.91
CA LYS A 230 7.93 18.17 -22.48
C LYS A 230 7.23 17.01 -21.78
N GLY A 231 6.46 16.22 -22.51
CA GLY A 231 5.89 15.00 -21.97
C GLY A 231 4.84 15.14 -20.88
N HIS A 232 4.55 14.02 -20.21
CA HIS A 232 3.59 14.04 -19.09
C HIS A 232 3.97 15.08 -18.04
N PHE A 233 5.27 15.22 -17.77
CA PHE A 233 5.71 16.09 -16.68
C PHE A 233 5.38 17.55 -16.94
N ASN A 234 5.50 17.97 -18.20
CA ASN A 234 5.14 19.34 -18.59
C ASN A 234 3.66 19.62 -18.24
N LEU A 235 2.78 18.71 -18.63
CA LEU A 235 1.36 18.86 -18.33
C LEU A 235 1.09 18.82 -16.81
N LEU A 236 1.76 17.94 -16.08
CA LEU A 236 1.57 17.90 -14.62
C LEU A 236 1.91 19.24 -14.00
N THR A 237 3.03 19.83 -14.42
CA THR A 237 3.45 21.12 -13.88
C THR A 237 2.43 22.20 -14.18
N GLN A 238 1.93 22.20 -15.41
CA GLN A 238 0.92 23.17 -15.80
C GLN A 238 -0.39 23.08 -15.02
N TYR A 239 -0.90 21.87 -14.88
CA TYR A 239 -2.20 21.71 -14.23
C TYR A 239 -2.11 21.99 -12.74
N LYS A 240 -0.96 21.73 -12.13
CA LYS A 240 -0.79 22.03 -10.72
C LYS A 240 -0.93 23.53 -10.44
N ARG A 241 -0.64 24.37 -11.43
CA ARG A 241 -0.83 25.81 -11.25
C ARG A 241 -2.30 26.17 -11.10
N LYS A 242 -3.15 25.43 -11.79
CA LYS A 242 -4.59 25.66 -11.72
C LYS A 242 -5.18 25.01 -10.47
N TYR A 243 -4.53 23.96 -10.00
CA TYR A 243 -4.98 23.25 -8.80
C TYR A 243 -3.84 23.13 -7.78
N PRO A 244 -3.51 24.24 -7.08
CA PRO A 244 -2.27 24.37 -6.31
C PRO A 244 -2.19 23.49 -5.07
N GLY A 245 -3.32 22.91 -4.67
CA GLY A 245 -3.35 22.08 -3.49
C GLY A 245 -3.07 20.63 -3.82
N VAL A 246 -3.22 20.26 -5.09
CA VAL A 246 -3.05 18.86 -5.49
C VAL A 246 -1.56 18.51 -5.51
N LYS A 247 -1.20 17.41 -4.85
CA LYS A 247 0.20 16.97 -4.79
C LYS A 247 0.53 16.00 -5.92
N THR A 248 1.76 16.07 -6.44
CA THR A 248 2.24 14.98 -7.31
C THR A 248 3.44 14.28 -6.67
N LEU A 249 3.45 12.96 -6.79
CA LEU A 249 4.56 12.16 -6.27
C LEU A 249 5.05 11.21 -7.36
N ILE A 250 6.36 10.97 -7.37
CA ILE A 250 6.93 10.03 -8.32
C ILE A 250 6.97 8.64 -7.68
N SER A 251 6.30 7.67 -8.30
CA SER A 251 6.31 6.30 -7.78
C SER A 251 7.47 5.54 -8.40
N VAL A 252 8.20 4.80 -7.56
CA VAL A 252 9.39 4.10 -8.00
C VAL A 252 9.24 2.60 -7.78
N GLY A 253 9.39 1.82 -8.83
CA GLY A 253 9.31 0.37 -8.72
C GLY A 253 8.11 -0.25 -9.41
N GLY A 254 7.22 -0.85 -8.63
CA GLY A 254 6.12 -1.61 -9.18
C GLY A 254 6.54 -3.04 -9.41
N TRP A 255 5.61 -3.88 -9.91
CA TRP A 255 5.87 -5.30 -10.05
C TRP A 255 6.98 -5.58 -11.07
N ALA A 256 6.93 -4.90 -12.20
CA ALA A 256 7.87 -5.16 -13.30
C ALA A 256 9.23 -4.52 -13.10
N GLU A 257 9.27 -3.36 -12.44
CA GLU A 257 10.54 -2.63 -12.36
C GLU A 257 11.05 -2.39 -10.94
N THR A 258 10.61 -3.24 -10.02
CA THR A 258 11.26 -3.27 -8.70
C THR A 258 12.68 -3.80 -8.82
N GLY A 259 12.88 -4.80 -9.68
CA GLY A 259 14.17 -5.48 -9.76
C GLY A 259 14.91 -5.33 -11.08
N GLY A 260 14.49 -4.38 -11.89
CA GLY A 260 15.12 -4.19 -13.19
C GLY A 260 14.45 -3.04 -13.91
N TYR A 261 14.72 -2.89 -15.19
CA TYR A 261 14.12 -1.81 -15.97
C TYR A 261 14.09 -2.20 -17.44
N PHE A 262 13.20 -1.57 -18.20
CA PHE A 262 13.04 -1.89 -19.61
C PHE A 262 13.97 -1.04 -20.47
N ASP A 263 14.53 -1.63 -21.52
CA ASP A 263 15.40 -0.88 -22.40
C ASP A 263 14.61 -0.28 -23.57
N ALA A 264 15.32 0.35 -24.49
CA ALA A 264 14.69 1.06 -25.62
C ALA A 264 13.92 0.11 -26.54
N ASN A 265 14.29 -1.17 -26.54
CA ASN A 265 13.64 -2.15 -27.39
C ASN A 265 12.53 -2.92 -26.69
N GLY A 266 12.19 -2.52 -25.47
CA GLY A 266 11.15 -3.18 -24.71
C GLY A 266 11.61 -4.41 -23.95
N LYS A 267 12.90 -4.71 -24.03
CA LYS A 267 13.48 -5.83 -23.27
C LYS A 267 13.81 -5.42 -21.85
N ARG A 268 13.66 -6.35 -20.91
CA ARG A 268 13.93 -6.04 -19.50
C ARG A 268 15.38 -6.36 -19.13
N VAL A 269 16.02 -5.40 -18.47
CA VAL A 269 17.39 -5.56 -17.98
C VAL A 269 17.33 -6.01 -16.51
N ALA A 270 17.85 -7.19 -16.22
CA ALA A 270 17.76 -7.75 -14.86
C ALA A 270 18.89 -7.21 -14.00
N SER A 271 18.78 -5.93 -13.63
CA SER A 271 19.83 -5.21 -12.92
C SER A 271 19.83 -5.45 -11.41
N GLY A 272 18.67 -5.81 -10.86
CA GLY A 272 18.53 -6.00 -9.42
C GLY A 272 17.68 -4.93 -8.76
N GLY A 273 17.60 -3.75 -9.39
CA GLY A 273 16.78 -2.66 -8.90
C GLY A 273 16.90 -2.38 -7.41
N PHE A 274 15.76 -2.33 -6.73
CA PHE A 274 15.74 -2.10 -5.28
C PHE A 274 16.55 -3.14 -4.49
N TYR A 275 16.56 -4.39 -4.94
CA TYR A 275 17.23 -5.43 -4.17
C TYR A 275 18.73 -5.16 -4.07
N SER A 276 19.35 -4.84 -5.21
CA SER A 276 20.80 -4.64 -5.23
C SER A 276 21.14 -3.24 -4.72
N MET A 277 20.21 -2.30 -4.85
CA MET A 277 20.46 -0.94 -4.39
C MET A 277 20.46 -0.87 -2.86
N THR A 278 19.61 -1.69 -2.22
CA THR A 278 19.53 -1.65 -0.75
C THR A 278 20.39 -2.67 -0.03
N VAL A 279 20.73 -3.77 -0.69
CA VAL A 279 21.48 -4.85 -0.03
C VAL A 279 22.58 -5.34 -0.96
N ASN A 280 23.83 -5.30 -0.47
CA ASN A 280 24.95 -5.85 -1.23
C ASN A 280 24.81 -7.35 -1.43
N ALA A 281 25.54 -7.88 -2.40
CA ALA A 281 25.49 -9.31 -2.68
C ALA A 281 25.93 -10.16 -1.48
N ASP A 282 26.69 -9.57 -0.55
CA ASP A 282 27.15 -10.32 0.62
C ASP A 282 26.21 -10.23 1.82
N GLY A 283 25.05 -9.61 1.62
CA GLY A 283 24.05 -9.56 2.67
C GLY A 283 24.08 -8.33 3.55
N THR A 284 25.12 -7.50 3.42
CA THR A 284 25.14 -6.25 4.19
C THR A 284 24.33 -5.17 3.49
N VAL A 285 23.88 -4.19 4.26
CA VAL A 285 23.11 -3.08 3.69
C VAL A 285 24.01 -2.23 2.77
N ASN A 286 23.49 -1.87 1.60
CA ASN A 286 24.25 -1.12 0.61
C ASN A 286 24.15 0.39 0.85
N GLN A 287 24.99 0.91 1.74
CA GLN A 287 24.92 2.33 2.11
C GLN A 287 25.18 3.23 0.90
N ALA A 288 26.15 2.85 0.08
CA ALA A 288 26.50 3.65 -1.09
C ALA A 288 25.34 3.74 -2.08
N GLY A 289 24.67 2.62 -2.31
CA GLY A 289 23.53 2.57 -3.21
C GLY A 289 22.38 3.40 -2.68
N ILE A 290 22.11 3.27 -1.39
CA ILE A 290 21.01 3.99 -0.76
C ILE A 290 21.29 5.51 -0.74
N ASN A 291 22.55 5.88 -0.54
CA ASN A 291 22.92 7.29 -0.60
C ASN A 291 22.76 7.85 -2.01
N ALA A 292 23.20 7.09 -3.01
CA ALA A 292 23.07 7.54 -4.40
C ALA A 292 21.60 7.71 -4.76
N PHE A 293 20.80 6.74 -4.36
CA PHE A 293 19.38 6.82 -4.67
C PHE A 293 18.72 8.02 -4.00
N SER A 294 18.97 8.17 -2.70
CA SER A 294 18.32 9.23 -1.93
C SER A 294 18.71 10.61 -2.44
N ASP A 295 19.99 10.82 -2.71
CA ASP A 295 20.41 12.10 -3.29
C ASP A 295 19.77 12.32 -4.66
N SER A 296 19.61 11.25 -5.44
CA SER A 296 19.01 11.38 -6.77
C SER A 296 17.53 11.73 -6.66
N ALA A 297 16.87 11.28 -5.61
CA ALA A 297 15.45 11.55 -5.42
C ALA A 297 15.26 13.04 -5.11
N VAL A 298 16.13 13.58 -4.26
CA VAL A 298 16.11 15.01 -3.97
C VAL A 298 16.30 15.82 -5.25
N ALA A 299 17.27 15.44 -6.07
CA ALA A 299 17.55 16.19 -7.30
C ALA A 299 16.38 16.10 -8.27
N PHE A 300 15.74 14.93 -8.31
CA PHE A 300 14.61 14.69 -9.21
C PHE A 300 13.40 15.54 -8.80
N LEU A 301 13.07 15.53 -7.51
CA LEU A 301 11.98 16.37 -7.00
C LEU A 301 12.20 17.85 -7.32
N ARG A 302 13.42 18.32 -7.11
CA ARG A 302 13.75 19.71 -7.38
C ARG A 302 13.66 20.05 -8.87
N LYS A 303 14.04 19.10 -9.71
CA LYS A 303 14.11 19.34 -11.15
C LYS A 303 12.74 19.43 -11.81
N TYR A 304 11.83 18.56 -11.37
CA TYR A 304 10.55 18.42 -12.04
C TYR A 304 9.35 18.91 -11.22
N GLY A 305 9.63 19.43 -10.03
CA GLY A 305 8.58 20.01 -9.22
C GLY A 305 7.61 19.02 -8.59
N PHE A 306 8.07 17.78 -8.38
CA PHE A 306 7.26 16.82 -7.62
C PHE A 306 7.25 17.17 -6.14
N ASP A 307 6.19 16.77 -5.45
CA ASP A 307 6.03 17.07 -4.03
C ASP A 307 6.47 15.93 -3.13
N GLY A 308 6.84 14.81 -3.71
CA GLY A 308 7.23 13.67 -2.91
C GLY A 308 7.63 12.47 -3.72
N VAL A 309 8.10 11.44 -3.03
CA VAL A 309 8.48 10.17 -3.64
C VAL A 309 7.63 9.07 -3.03
N ASP A 310 7.13 8.19 -3.89
CA ASP A 310 6.32 7.04 -3.48
C ASP A 310 7.12 5.78 -3.75
N ILE A 311 7.55 5.09 -2.69
CA ILE A 311 8.38 3.91 -2.87
C ILE A 311 7.50 2.68 -3.04
N ASP A 312 7.58 2.05 -4.20
CA ASP A 312 6.77 0.88 -4.51
C ASP A 312 7.68 -0.33 -4.73
N PHE A 313 8.37 -0.71 -3.65
CA PHE A 313 9.32 -1.81 -3.62
C PHE A 313 8.55 -3.11 -3.41
N GLU A 314 8.45 -3.93 -4.45
CA GLU A 314 7.68 -5.18 -4.36
C GLU A 314 8.59 -6.40 -4.49
N TYR A 315 9.10 -6.96 -3.38
CA TYR A 315 8.81 -6.56 -1.99
C TYR A 315 10.02 -6.79 -1.12
N PRO A 316 10.20 -5.98 -0.07
CA PRO A 316 11.30 -6.19 0.87
C PRO A 316 10.92 -7.21 1.94
N THR A 317 10.60 -8.42 1.51
CA THR A 317 10.16 -9.44 2.46
C THR A 317 11.10 -10.64 2.47
N SER A 318 11.19 -11.29 3.63
CA SER A 318 12.06 -12.45 3.77
C SER A 318 11.37 -13.77 3.37
N MET A 319 10.14 -13.72 2.86
CA MET A 319 9.47 -14.92 2.34
C MET A 319 10.16 -15.34 1.04
N ASN A 320 10.54 -16.61 0.97
CA ASN A 320 11.22 -17.15 -0.21
C ASN A 320 10.27 -17.15 -1.41
N ASN A 321 10.79 -16.80 -2.59
CA ASN A 321 10.02 -16.76 -3.84
C ASN A 321 8.83 -15.79 -3.82
N ALA A 322 8.89 -14.77 -2.98
CA ALA A 322 7.79 -13.81 -2.90
C ALA A 322 7.89 -12.75 -3.98
N GLY A 323 9.10 -12.53 -4.47
CA GLY A 323 9.31 -11.50 -5.47
C GLY A 323 8.80 -11.89 -6.85
N ASN A 324 8.80 -10.92 -7.77
CA ASN A 324 8.63 -11.20 -9.19
C ASN A 324 9.60 -12.32 -9.54
N PRO A 325 9.13 -13.41 -10.18
CA PRO A 325 10.03 -14.52 -10.49
C PRO A 325 11.30 -14.08 -11.22
N LEU A 326 11.20 -12.99 -11.99
CA LEU A 326 12.35 -12.44 -12.71
C LEU A 326 13.42 -11.89 -11.77
N ASP A 327 13.06 -11.68 -10.50
CA ASP A 327 13.96 -11.09 -9.50
C ASP A 327 14.53 -12.11 -8.50
N TRP A 328 14.16 -13.37 -8.61
CA TRP A 328 14.51 -14.34 -7.56
C TRP A 328 16.00 -14.53 -7.33
N THR A 329 16.81 -14.42 -8.38
CA THR A 329 18.25 -14.55 -8.21
C THR A 329 18.81 -13.43 -7.34
N PHE A 330 18.10 -12.31 -7.28
CA PHE A 330 18.48 -11.23 -6.37
C PHE A 330 17.79 -11.35 -5.02
N SER A 331 16.49 -11.57 -5.06
CA SER A 331 15.69 -11.48 -3.84
C SER A 331 15.96 -12.65 -2.90
N ASN A 332 15.98 -13.86 -3.45
CA ASN A 332 16.16 -15.04 -2.61
C ASN A 332 17.57 -15.09 -1.97
N ALA A 333 18.53 -14.40 -2.56
CA ALA A 333 19.87 -14.36 -2.01
C ALA A 333 19.99 -13.34 -0.87
N ARG A 334 18.94 -12.57 -0.65
CA ARG A 334 18.99 -11.45 0.30
C ARG A 334 17.92 -11.52 1.38
N LEU A 335 17.21 -12.65 1.49
CA LEU A 335 16.00 -12.71 2.33
C LEU A 335 16.23 -12.19 3.75
N GLY A 336 17.34 -12.59 4.36
CA GLY A 336 17.60 -12.23 5.74
C GLY A 336 17.99 -10.77 5.97
N SER A 337 18.28 -10.08 4.87
CA SER A 337 18.81 -8.71 4.92
C SER A 337 17.82 -7.66 4.44
N LEU A 338 16.77 -8.07 3.75
CA LEU A 338 15.89 -7.11 3.10
C LEU A 338 15.19 -6.17 4.08
N ASN A 339 14.87 -6.66 5.27
CA ASN A 339 14.22 -5.77 6.24
C ASN A 339 15.15 -4.64 6.68
N LYS A 340 16.39 -4.98 7.03
CA LYS A 340 17.38 -3.96 7.39
C LYS A 340 17.65 -3.00 6.23
N GLY A 341 17.70 -3.54 5.02
CA GLY A 341 17.96 -2.73 3.85
C GLY A 341 16.84 -1.72 3.61
N TYR A 342 15.61 -2.16 3.85
CA TYR A 342 14.45 -1.32 3.59
C TYR A 342 14.34 -0.22 4.64
N VAL A 343 14.59 -0.58 5.89
CA VAL A 343 14.60 0.41 6.95
C VAL A 343 15.70 1.45 6.69
N ALA A 344 16.88 0.99 6.27
CA ALA A 344 17.97 1.92 5.96
C ALA A 344 17.59 2.85 4.78
N LEU A 345 16.94 2.29 3.77
CA LEU A 345 16.48 3.09 2.64
C LEU A 345 15.53 4.20 3.10
N LEU A 346 14.52 3.84 3.89
CA LEU A 346 13.51 4.81 4.30
C LEU A 346 14.08 5.85 5.26
N GLN A 347 14.95 5.42 6.19
CA GLN A 347 15.54 6.35 7.14
C GLN A 347 16.42 7.37 6.42
N THR A 348 17.16 6.90 5.42
CA THR A 348 18.05 7.79 4.67
C THR A 348 17.28 8.72 3.75
N LEU A 349 16.25 8.20 3.10
CA LEU A 349 15.39 9.02 2.28
C LEU A 349 14.72 10.12 3.11
N ARG A 350 14.26 9.77 4.30
CA ARG A 350 13.65 10.71 5.24
C ARG A 350 14.63 11.82 5.60
N ASP A 351 15.85 11.41 5.92
CA ASP A 351 16.91 12.35 6.27
C ASP A 351 17.21 13.32 5.11
N ARG A 352 17.39 12.78 3.90
CA ARG A 352 17.76 13.64 2.78
C ARG A 352 16.63 14.57 2.38
N LEU A 353 15.41 14.06 2.39
CA LEU A 353 14.27 14.89 2.03
C LEU A 353 13.96 15.93 3.11
N ASP A 354 14.14 15.58 4.38
CA ASP A 354 13.96 16.57 5.45
C ASP A 354 14.97 17.72 5.32
N ARG A 355 16.23 17.38 5.08
CA ARG A 355 17.25 18.43 4.91
C ARG A 355 16.98 19.28 3.68
N ALA A 356 16.60 18.66 2.57
CA ALA A 356 16.26 19.40 1.35
C ALA A 356 15.06 20.33 1.58
N ALA A 357 14.07 19.84 2.32
CA ALA A 357 12.88 20.63 2.63
C ALA A 357 13.24 21.88 3.44
N ALA A 358 14.13 21.71 4.41
CA ALA A 358 14.57 22.82 5.24
C ALA A 358 15.32 23.84 4.39
N GLN A 359 16.12 23.35 3.45
CA GLN A 359 16.86 24.25 2.56
C GLN A 359 15.95 24.97 1.56
N ASP A 360 14.93 24.28 1.09
CA ASP A 360 14.07 24.78 0.01
C ASP A 360 12.86 25.56 0.50
N GLY A 361 12.59 25.46 1.80
CA GLY A 361 11.43 26.12 2.38
C GLY A 361 10.11 25.56 1.88
N ARG A 362 10.10 24.29 1.49
CA ARG A 362 8.87 23.62 1.10
C ARG A 362 9.00 22.15 1.47
N TYR A 363 7.90 21.49 1.74
CA TYR A 363 7.96 20.15 2.30
C TYR A 363 7.94 19.05 1.22
N TYR A 364 8.68 17.97 1.46
CA TYR A 364 8.67 16.81 0.56
C TYR A 364 8.17 15.56 1.29
N GLN A 365 7.14 14.93 0.74
CA GLN A 365 6.56 13.75 1.36
C GLN A 365 7.26 12.47 0.92
N ILE A 366 7.34 11.50 1.83
CA ILE A 366 7.70 10.14 1.43
C ILE A 366 6.52 9.24 1.70
N THR A 367 6.06 8.54 0.66
CA THR A 367 5.01 7.57 0.85
C THR A 367 5.48 6.22 0.33
N ALA A 368 4.69 5.18 0.60
CA ALA A 368 5.02 3.87 0.07
C ALA A 368 3.76 3.12 -0.28
N ALA A 369 3.83 2.38 -1.38
CA ALA A 369 2.80 1.40 -1.72
C ALA A 369 3.21 0.12 -1.01
N VAL A 370 2.33 -0.35 -0.12
CA VAL A 370 2.67 -1.40 0.83
C VAL A 370 1.70 -2.57 0.69
N PRO A 371 2.18 -3.79 0.95
CA PRO A 371 1.32 -4.95 0.66
C PRO A 371 0.15 -5.12 1.64
N ALA A 372 -0.97 -5.60 1.14
CA ALA A 372 -2.09 -5.97 2.02
C ALA A 372 -1.98 -7.43 2.47
N SER A 373 -1.20 -8.22 1.74
CA SER A 373 -1.09 -9.66 1.95
C SER A 373 -0.46 -10.07 3.29
N GLY A 374 -1.21 -10.83 4.08
CA GLY A 374 -0.69 -11.33 5.34
C GLY A 374 0.46 -12.29 5.12
N TYR A 375 0.51 -12.93 3.96
CA TYR A 375 1.64 -13.80 3.63
C TYR A 375 2.93 -12.98 3.46
N LEU A 376 2.88 -11.94 2.62
CA LEU A 376 4.06 -11.09 2.44
C LEU A 376 4.51 -10.46 3.75
N LEU A 377 3.55 -10.00 4.55
CA LEU A 377 3.88 -9.29 5.78
C LEU A 377 4.49 -10.21 6.83
N ARG A 378 4.29 -11.52 6.69
CA ARG A 378 4.89 -12.44 7.65
C ARG A 378 6.42 -12.38 7.58
N GLY A 379 6.93 -11.92 6.44
CA GLY A 379 8.37 -11.79 6.27
C GLY A 379 8.87 -10.35 6.40
N MET A 380 8.05 -9.47 6.98
CA MET A 380 8.45 -8.07 7.10
C MET A 380 8.49 -7.58 8.55
N GLU A 381 8.82 -8.51 9.46
CA GLU A 381 9.04 -8.21 10.88
C GLU A 381 7.85 -7.43 11.45
N THR A 382 8.06 -6.21 11.93
CA THR A 382 6.95 -5.37 12.39
C THR A 382 6.79 -4.09 11.56
N PHE A 383 7.30 -4.13 10.33
CA PHE A 383 7.30 -2.95 9.46
C PHE A 383 7.82 -1.71 10.20
N GLN A 384 9.01 -1.86 10.79
CA GLN A 384 9.65 -0.80 11.54
C GLN A 384 9.77 0.50 10.74
N GLY A 385 9.84 0.37 9.42
CA GLY A 385 10.00 1.52 8.53
C GLY A 385 8.81 2.47 8.45
N LEU A 386 7.66 2.08 8.99
CA LEU A 386 6.47 2.92 8.94
C LEU A 386 6.68 4.32 9.53
N LYS A 387 7.56 4.43 10.54
CA LYS A 387 7.76 5.70 11.21
C LYS A 387 8.35 6.78 10.29
N TYR A 388 8.93 6.37 9.16
CA TYR A 388 9.54 7.35 8.25
C TYR A 388 8.58 7.88 7.19
N LEU A 389 7.40 7.28 7.09
CA LEU A 389 6.51 7.55 5.97
C LEU A 389 5.42 8.56 6.31
N ASP A 390 5.29 9.58 5.49
CA ASP A 390 4.19 10.52 5.67
C ASP A 390 2.86 9.79 5.65
N PHE A 391 2.71 8.85 4.72
CA PHE A 391 1.58 7.93 4.77
C PHE A 391 1.84 6.72 3.89
N VAL A 392 1.02 5.68 4.07
CA VAL A 392 1.13 4.51 3.21
C VAL A 392 -0.10 4.40 2.32
N ASN A 393 0.09 3.81 1.15
CA ASN A 393 -0.98 3.45 0.24
C ASN A 393 -1.07 1.94 0.24
N VAL A 394 -2.07 1.39 0.90
CA VAL A 394 -2.13 -0.04 1.09
C VAL A 394 -2.70 -0.70 -0.17
N MET A 395 -1.98 -1.67 -0.73
CA MET A 395 -2.40 -2.30 -1.97
C MET A 395 -3.39 -3.42 -1.66
N SER A 396 -4.55 -3.00 -1.19
CA SER A 396 -5.65 -3.88 -0.85
C SER A 396 -6.45 -4.24 -2.09
N TYR A 397 -5.74 -4.79 -3.06
CA TYR A 397 -6.32 -5.34 -4.27
C TYR A 397 -5.35 -6.38 -4.76
N ASP A 398 -5.69 -7.07 -5.86
CA ASP A 398 -4.97 -8.26 -6.28
C ASP A 398 -4.80 -9.27 -5.15
N LEU A 399 -5.82 -9.37 -4.30
CA LEU A 399 -5.84 -10.37 -3.23
C LEU A 399 -6.13 -11.75 -3.81
N HIS A 400 -6.83 -11.77 -4.93
CA HIS A 400 -7.08 -12.98 -5.71
C HIS A 400 -6.96 -12.64 -7.20
N GLY A 401 -6.55 -13.62 -8.00
CA GLY A 401 -6.30 -13.39 -9.42
C GLY A 401 -5.83 -14.68 -10.06
N ALA A 402 -5.66 -14.67 -11.38
CA ALA A 402 -5.47 -15.92 -12.11
C ALA A 402 -4.05 -16.49 -12.06
N TRP A 403 -3.20 -15.90 -11.24
CA TRP A 403 -1.91 -16.53 -10.91
C TRP A 403 -2.13 -17.80 -10.07
N ASN A 404 -3.31 -17.94 -9.47
CA ASN A 404 -3.68 -19.24 -8.90
C ASN A 404 -5.15 -19.57 -9.15
N ARG A 405 -5.58 -20.74 -8.66
CA ARG A 405 -6.85 -21.30 -9.04
C ARG A 405 -8.05 -20.84 -8.21
N PHE A 406 -7.81 -20.05 -7.16
CA PHE A 406 -8.87 -19.71 -6.24
C PHE A 406 -9.67 -18.52 -6.73
N VAL A 407 -10.88 -18.79 -7.22
CA VAL A 407 -11.71 -17.77 -7.84
C VAL A 407 -12.43 -16.94 -6.79
N GLY A 408 -12.24 -15.63 -6.83
CA GLY A 408 -12.85 -14.79 -5.81
C GLY A 408 -12.56 -13.32 -6.03
N PRO A 409 -13.06 -12.46 -5.12
CA PRO A 409 -12.93 -11.01 -5.29
C PRO A 409 -11.48 -10.55 -5.28
N ASN A 410 -11.21 -9.54 -6.10
CA ASN A 410 -9.91 -8.93 -6.20
C ASN A 410 -9.56 -8.10 -4.95
N ALA A 411 -10.59 -7.56 -4.29
CA ALA A 411 -10.38 -6.57 -3.24
C ALA A 411 -11.49 -6.61 -2.19
N ALA A 412 -11.79 -7.79 -1.65
CA ALA A 412 -12.83 -7.89 -0.63
C ALA A 412 -12.60 -6.91 0.52
N LEU A 413 -13.66 -6.23 0.96
CA LEU A 413 -13.55 -5.37 2.14
C LEU A 413 -13.38 -6.20 3.41
N TYR A 414 -14.19 -7.25 3.54
CA TYR A 414 -14.24 -8.10 4.72
C TYR A 414 -13.99 -9.57 4.43
N ASP A 415 -13.67 -10.31 5.48
CA ASP A 415 -13.73 -11.77 5.45
C ASP A 415 -15.20 -12.23 5.57
N ASP A 416 -15.56 -13.31 4.88
CA ASP A 416 -16.93 -13.88 4.97
C ASP A 416 -16.88 -15.32 5.51
N GLY A 417 -15.70 -15.74 5.97
CA GLY A 417 -15.55 -17.06 6.55
C GLY A 417 -15.44 -18.15 5.51
N LYS A 418 -15.45 -17.78 4.23
CA LYS A 418 -15.53 -18.77 3.15
C LYS A 418 -14.46 -18.60 2.05
N ASP A 419 -13.43 -17.80 2.31
CA ASP A 419 -12.36 -17.63 1.31
C ASP A 419 -11.75 -19.00 0.98
N ALA A 420 -11.87 -19.42 -0.28
CA ALA A 420 -11.50 -20.78 -0.66
C ALA A 420 -10.01 -21.04 -0.49
N GLU A 421 -9.19 -20.00 -0.61
CA GLU A 421 -7.76 -20.15 -0.43
C GLU A 421 -7.42 -20.36 1.04
N LEU A 422 -8.01 -19.52 1.90
CA LEU A 422 -7.83 -19.66 3.34
C LEU A 422 -8.33 -21.01 3.84
N ALA A 423 -9.44 -21.49 3.29
CA ALA A 423 -9.97 -22.79 3.68
C ALA A 423 -8.99 -23.90 3.28
N PHE A 424 -8.38 -23.76 2.10
CA PHE A 424 -7.48 -24.79 1.62
C PHE A 424 -6.25 -24.91 2.53
N TRP A 425 -5.82 -23.79 3.10
CA TRP A 425 -4.65 -23.79 3.99
C TRP A 425 -5.02 -24.00 5.46
N ASN A 426 -6.29 -24.30 5.72
CA ASN A 426 -6.81 -24.61 7.06
C ASN A 426 -6.78 -23.42 8.02
N VAL A 427 -6.83 -22.22 7.47
CA VAL A 427 -6.76 -21.01 8.29
C VAL A 427 -7.96 -20.83 9.21
N TYR A 428 -9.17 -21.11 8.72
CA TYR A 428 -10.35 -20.90 9.56
C TYR A 428 -10.43 -21.93 10.68
N SER A 429 -9.95 -23.14 10.39
CA SER A 429 -10.12 -24.25 11.33
C SER A 429 -9.04 -24.35 12.41
N THR A 430 -7.90 -23.70 12.23
CA THR A 430 -6.84 -23.86 13.23
C THR A 430 -7.16 -22.94 14.42
N PRO A 431 -7.26 -23.53 15.62
CA PRO A 431 -7.71 -22.80 16.81
C PRO A 431 -6.90 -21.54 17.09
N GLN A 432 -5.58 -21.60 16.88
CA GLN A 432 -4.69 -20.48 17.18
C GLN A 432 -5.03 -19.20 16.43
N TYR A 433 -5.67 -19.32 15.26
CA TYR A 433 -5.95 -18.14 14.45
C TYR A 433 -7.24 -17.43 14.87
N GLY A 434 -7.96 -18.01 15.82
CA GLY A 434 -9.12 -17.35 16.42
C GLY A 434 -10.18 -16.88 15.45
N ASN A 435 -10.39 -17.68 14.39
CA ASN A 435 -11.33 -17.37 13.31
C ASN A 435 -11.16 -16.00 12.67
N ILE A 436 -9.92 -15.56 12.59
CA ILE A 436 -9.60 -14.35 11.84
C ILE A 436 -9.14 -14.72 10.44
N GLY A 437 -9.89 -14.28 9.42
CA GLY A 437 -9.48 -14.43 8.04
C GLY A 437 -8.84 -13.14 7.55
N TYR A 438 -7.73 -13.21 6.82
CA TYR A 438 -6.91 -12.01 6.61
C TYR A 438 -6.82 -11.47 5.18
N LEU A 439 -7.43 -12.15 4.20
CA LEU A 439 -7.33 -11.69 2.81
C LEU A 439 -8.41 -10.66 2.50
N ASN A 440 -8.33 -9.52 3.18
CA ASN A 440 -9.34 -8.50 2.99
C ASN A 440 -8.82 -7.13 3.43
N THR A 441 -9.45 -6.09 2.90
CA THR A 441 -9.04 -4.71 3.11
C THR A 441 -9.06 -4.33 4.59
N ASP A 442 -10.11 -4.76 5.29
CA ASP A 442 -10.30 -4.44 6.70
C ASP A 442 -9.13 -4.98 7.52
N TRP A 443 -8.69 -6.20 7.21
CA TRP A 443 -7.60 -6.82 7.98
C TRP A 443 -6.31 -6.03 7.76
N ALA A 444 -6.03 -5.71 6.49
CA ALA A 444 -4.81 -4.98 6.15
C ALA A 444 -4.77 -3.60 6.81
N TYR A 445 -5.90 -2.90 6.80
CA TYR A 445 -5.97 -1.61 7.49
C TYR A 445 -5.58 -1.79 8.96
N HIS A 446 -6.17 -2.79 9.59
CA HIS A 446 -5.93 -2.99 11.02
C HIS A 446 -4.49 -3.42 11.28
N TYR A 447 -3.88 -4.12 10.34
CA TYR A 447 -2.45 -4.42 10.46
C TYR A 447 -1.65 -3.11 10.56
N TYR A 448 -1.90 -2.19 9.63
CA TYR A 448 -1.07 -0.99 9.56
C TYR A 448 -1.30 -0.04 10.74
N ARG A 449 -2.45 -0.15 11.41
CA ARG A 449 -2.69 0.68 12.60
C ARG A 449 -1.79 0.30 13.77
N GLY A 450 -1.14 -0.86 13.68
CA GLY A 450 -0.21 -1.24 14.71
C GLY A 450 0.91 -0.22 14.85
N GLY A 451 1.31 0.36 13.73
CA GLY A 451 2.46 1.27 13.73
C GLY A 451 2.16 2.66 13.16
N LEU A 452 0.89 2.92 12.82
CA LEU A 452 0.46 4.19 12.22
C LEU A 452 -0.87 4.67 12.79
N PRO A 453 -1.04 5.99 12.94
CA PRO A 453 -2.40 6.50 13.18
C PRO A 453 -3.24 6.38 11.92
N ALA A 454 -4.57 6.35 12.07
CA ALA A 454 -5.46 6.21 10.92
C ALA A 454 -5.20 7.28 9.87
N SER A 455 -4.83 8.47 10.33
CA SER A 455 -4.59 9.59 9.42
C SER A 455 -3.42 9.36 8.44
N ARG A 456 -2.56 8.38 8.73
CA ARG A 456 -1.42 8.12 7.85
C ARG A 456 -1.60 6.83 7.07
N VAL A 457 -2.83 6.33 7.01
CA VAL A 457 -3.13 5.14 6.21
C VAL A 457 -4.17 5.45 5.13
N ASN A 458 -3.91 5.03 3.90
CA ASN A 458 -4.91 5.10 2.83
C ASN A 458 -5.10 3.72 2.23
N MET A 459 -6.34 3.33 1.97
CA MET A 459 -6.60 2.00 1.46
C MET A 459 -6.82 2.01 -0.05
N GLY A 460 -6.22 1.04 -0.75
CA GLY A 460 -6.33 0.98 -2.19
C GLY A 460 -7.56 0.25 -2.69
N VAL A 461 -8.10 0.71 -3.83
CA VAL A 461 -9.15 0.00 -4.55
C VAL A 461 -8.77 -0.08 -6.01
N PRO A 462 -9.25 -1.12 -6.72
CA PRO A 462 -8.91 -1.28 -8.13
C PRO A 462 -9.93 -0.67 -9.08
N TYR A 463 -9.47 -0.05 -10.15
CA TYR A 463 -10.37 0.39 -11.22
C TYR A 463 -10.23 -0.56 -12.41
N TYR A 464 -9.93 -1.81 -12.13
CA TYR A 464 -9.70 -2.80 -13.16
C TYR A 464 -10.21 -4.14 -12.65
N THR A 465 -10.31 -5.12 -13.54
CA THR A 465 -10.75 -6.46 -13.19
C THR A 465 -9.61 -7.46 -13.19
N ARG A 466 -9.84 -8.59 -12.51
CA ARG A 466 -9.09 -9.83 -12.75
C ARG A 466 -10.14 -10.90 -13.01
N GLY A 467 -9.79 -11.96 -13.71
CA GLY A 467 -10.80 -12.94 -14.03
C GLY A 467 -10.26 -14.27 -14.50
N TRP A 468 -11.12 -15.29 -14.39
CA TRP A 468 -10.84 -16.68 -14.74
C TRP A 468 -11.87 -17.19 -15.76
N LYS A 469 -11.49 -18.19 -16.54
CA LYS A 469 -12.44 -18.91 -17.38
C LYS A 469 -12.46 -20.36 -16.92
N ASN A 470 -13.43 -21.12 -17.42
CA ASN A 470 -13.57 -22.53 -17.08
C ASN A 470 -13.60 -22.76 -15.58
N VAL A 471 -14.38 -21.92 -14.89
CA VAL A 471 -14.53 -22.00 -13.45
C VAL A 471 -15.50 -23.11 -13.05
N SER A 472 -15.10 -23.95 -12.09
CA SER A 472 -16.00 -24.97 -11.56
C SER A 472 -16.20 -24.79 -10.06
N GLY A 473 -17.25 -25.37 -9.51
CA GLY A 473 -17.54 -25.20 -8.10
C GLY A 473 -18.00 -23.79 -7.78
N GLY A 474 -18.02 -23.44 -6.51
CA GLY A 474 -18.47 -22.13 -6.08
C GLY A 474 -19.96 -21.87 -6.29
N SER A 475 -20.32 -20.60 -6.18
CA SER A 475 -21.71 -20.16 -6.36
C SER A 475 -21.71 -18.94 -7.27
N ASN A 476 -22.25 -19.09 -8.48
CA ASN A 476 -22.01 -18.12 -9.55
C ASN A 476 -20.50 -17.81 -9.65
N GLY A 477 -19.68 -18.86 -9.54
CA GLY A 477 -18.25 -18.72 -9.66
C GLY A 477 -17.50 -18.36 -8.38
N LEU A 478 -18.21 -17.75 -7.43
CA LEU A 478 -17.56 -17.26 -6.21
C LEU A 478 -17.03 -18.41 -5.36
N TRP A 479 -15.73 -18.34 -5.05
CA TRP A 479 -15.02 -19.37 -4.29
C TRP A 479 -15.00 -20.70 -5.04
N GLY A 480 -15.11 -20.61 -6.36
CA GLY A 480 -14.90 -21.77 -7.21
C GLY A 480 -13.43 -21.98 -7.50
N SER A 481 -13.16 -22.85 -8.47
CA SER A 481 -11.80 -23.23 -8.80
C SER A 481 -11.57 -23.20 -10.30
N SER A 482 -10.40 -22.71 -10.69
CA SER A 482 -10.07 -22.61 -12.11
C SER A 482 -8.59 -22.85 -12.31
N VAL A 483 -8.21 -24.07 -12.67
CA VAL A 483 -6.81 -24.41 -12.85
C VAL A 483 -6.41 -24.22 -14.30
N GLY A 484 -5.24 -23.63 -14.52
CA GLY A 484 -4.81 -23.29 -15.86
C GLY A 484 -3.65 -24.11 -16.37
N SER A 485 -3.39 -24.01 -17.67
CA SER A 485 -2.31 -24.73 -18.30
C SER A 485 -1.32 -23.77 -18.92
N ASN A 486 -0.13 -24.28 -19.24
CA ASN A 486 0.94 -23.48 -19.84
C ASN A 486 1.11 -22.15 -19.10
N CYS A 487 1.51 -22.24 -17.84
CA CYS A 487 1.61 -21.08 -16.95
C CYS A 487 2.46 -19.97 -17.53
N PRO A 488 2.18 -18.73 -17.15
CA PRO A 488 3.08 -17.60 -17.42
C PRO A 488 4.50 -17.90 -16.97
N ALA A 489 5.48 -17.30 -17.64
CA ALA A 489 6.89 -17.51 -17.30
C ALA A 489 7.14 -17.25 -15.82
N GLY A 490 7.81 -18.19 -15.16
CA GLY A 490 8.14 -18.05 -13.76
C GLY A 490 7.19 -18.78 -12.82
N LEU A 491 5.94 -18.93 -13.24
CA LEU A 491 4.94 -19.66 -12.44
C LEU A 491 5.04 -21.17 -12.67
N THR A 492 4.85 -21.95 -11.61
CA THR A 492 4.86 -23.41 -11.71
C THR A 492 3.45 -23.97 -11.58
N GLU A 493 2.51 -23.10 -11.26
CA GLU A 493 1.10 -23.42 -11.31
C GLU A 493 0.38 -22.13 -11.65
N CYS A 494 -0.85 -22.21 -12.13
CA CYS A 494 -1.61 -20.99 -12.40
C CYS A 494 -3.10 -21.29 -12.44
N GLY A 495 -3.91 -20.24 -12.37
CA GLY A 495 -5.32 -20.37 -12.67
C GLY A 495 -5.53 -20.29 -14.18
N ASP A 496 -6.74 -20.55 -14.64
CA ASP A 496 -7.06 -20.42 -16.06
C ASP A 496 -7.57 -19.01 -16.32
N GLY A 497 -6.66 -18.10 -16.65
CA GLY A 497 -7.02 -16.69 -16.81
C GLY A 497 -7.97 -16.45 -17.96
N ALA A 498 -8.89 -15.52 -17.80
CA ALA A 498 -9.84 -15.21 -18.86
C ALA A 498 -9.08 -14.52 -20.00
N VAL A 499 -9.59 -14.66 -21.22
CA VAL A 499 -8.85 -14.24 -22.40
C VAL A 499 -9.71 -13.44 -23.37
N GLY A 500 -9.06 -12.86 -24.38
CA GLY A 500 -9.76 -12.22 -25.48
C GLY A 500 -10.58 -11.01 -25.04
N ILE A 501 -11.88 -11.04 -25.32
CA ILE A 501 -12.76 -9.92 -24.97
C ILE A 501 -12.87 -9.78 -23.45
N ASP A 502 -12.47 -10.83 -22.72
CA ASP A 502 -12.45 -10.80 -21.25
C ASP A 502 -11.12 -10.35 -20.66
N ASN A 503 -10.21 -9.84 -21.49
CA ASN A 503 -8.83 -9.62 -21.06
C ASN A 503 -8.16 -8.51 -21.87
N ILE A 504 -8.88 -7.41 -22.11
CA ILE A 504 -8.40 -6.44 -23.11
C ILE A 504 -7.21 -5.60 -22.66
N TRP A 505 -6.95 -5.57 -21.36
CA TRP A 505 -5.78 -4.86 -20.84
C TRP A 505 -4.65 -5.83 -20.51
N HIS A 506 -4.57 -6.91 -21.29
CA HIS A 506 -3.51 -7.91 -21.12
C HIS A 506 -2.12 -7.35 -21.38
N ASP A 507 -1.12 -7.99 -20.77
CA ASP A 507 0.26 -7.88 -21.19
C ASP A 507 0.56 -8.93 -22.26
N LEU A 508 1.68 -8.76 -22.96
CA LEU A 508 2.11 -9.73 -23.96
C LEU A 508 3.35 -10.48 -23.49
N ASP A 509 3.46 -11.75 -23.82
CA ASP A 509 4.69 -12.48 -23.51
C ASP A 509 5.76 -12.16 -24.56
N ASP A 510 6.91 -12.82 -24.46
CA ASP A 510 8.03 -12.53 -25.35
C ASP A 510 7.68 -12.83 -26.81
N SER A 511 6.82 -13.83 -27.02
CA SER A 511 6.41 -14.22 -28.36
C SER A 511 5.33 -13.31 -28.93
N GLY A 512 4.92 -12.30 -28.15
CA GLY A 512 3.92 -11.37 -28.60
C GLY A 512 2.50 -11.89 -28.41
N LYS A 513 2.36 -12.95 -27.62
CA LYS A 513 1.05 -13.54 -27.36
C LYS A 513 0.43 -12.99 -26.07
N GLU A 514 -0.89 -12.84 -26.07
CA GLU A 514 -1.63 -12.40 -24.91
C GLU A 514 -1.40 -13.30 -23.69
N ILE A 515 -1.09 -12.69 -22.55
CA ILE A 515 -1.05 -13.41 -21.27
C ILE A 515 -2.43 -13.37 -20.63
N PRO A 516 -3.06 -14.54 -20.41
CA PRO A 516 -4.39 -14.61 -19.79
C PRO A 516 -4.44 -14.00 -18.40
N GLY A 517 -5.63 -13.57 -17.97
CA GLY A 517 -5.75 -13.03 -16.62
C GLY A 517 -7.02 -12.24 -16.33
N GLY A 518 -7.89 -12.10 -17.34
CA GLY A 518 -9.15 -11.40 -17.12
C GLY A 518 -9.00 -9.94 -16.69
N SER A 519 -8.01 -9.25 -17.26
CA SER A 519 -7.71 -7.86 -16.90
C SER A 519 -8.34 -6.88 -17.85
N ASN A 520 -9.21 -6.01 -17.31
CA ASN A 520 -9.96 -5.04 -18.11
C ASN A 520 -10.12 -3.74 -17.32
N PRO A 521 -10.22 -2.61 -18.03
CA PRO A 521 -10.66 -1.38 -17.35
C PRO A 521 -12.12 -1.52 -16.94
N MET A 522 -12.56 -0.80 -15.91
CA MET A 522 -13.94 -0.99 -15.47
C MET A 522 -14.96 -0.51 -16.52
N TRP A 523 -14.58 0.42 -17.40
CA TRP A 523 -15.53 0.77 -18.47
C TRP A 523 -15.82 -0.43 -19.37
N HIS A 524 -14.81 -1.27 -19.61
CA HIS A 524 -15.06 -2.42 -20.45
C HIS A 524 -15.94 -3.43 -19.72
N ALA A 525 -15.71 -3.62 -18.42
CA ALA A 525 -16.57 -4.49 -17.61
C ALA A 525 -18.02 -3.99 -17.59
N LYS A 526 -18.19 -2.67 -17.58
CA LYS A 526 -19.53 -2.10 -17.62
C LYS A 526 -20.21 -2.34 -18.98
N ASN A 527 -19.44 -2.29 -20.06
CA ASN A 527 -19.99 -2.65 -21.37
C ASN A 527 -20.36 -4.13 -21.45
N LEU A 528 -19.52 -5.01 -20.90
CA LEU A 528 -19.84 -6.44 -20.95
C LEU A 528 -21.15 -6.72 -20.23
N GLU A 529 -21.33 -6.06 -19.08
CA GLU A 529 -22.56 -6.15 -18.29
C GLU A 529 -23.77 -5.74 -19.13
N LYS A 530 -23.56 -4.73 -19.97
CA LYS A 530 -24.61 -4.17 -20.82
C LYS A 530 -24.82 -4.97 -22.11
N GLY A 531 -23.94 -5.93 -22.37
CA GLY A 531 -24.01 -6.70 -23.61
C GLY A 531 -23.41 -5.98 -24.80
N LEU A 532 -22.45 -5.10 -24.53
CA LEU A 532 -21.75 -4.33 -25.55
C LEU A 532 -20.29 -4.78 -25.62
N ALA A 533 -19.78 -4.94 -26.83
CA ALA A 533 -18.42 -5.48 -26.99
C ALA A 533 -17.36 -4.41 -26.82
N GLY A 534 -17.71 -3.17 -27.16
CA GLY A 534 -16.77 -2.05 -27.10
C GLY A 534 -16.18 -1.72 -28.45
N SER A 535 -16.42 -0.50 -28.93
CA SER A 535 -15.96 -0.09 -30.26
C SER A 535 -14.44 0.10 -30.32
N TYR A 536 -13.80 0.13 -29.16
CA TYR A 536 -12.37 0.34 -29.02
C TYR A 536 -11.53 -0.95 -29.18
N LEU A 537 -12.17 -2.09 -29.37
CA LEU A 537 -11.43 -3.35 -29.39
C LEU A 537 -10.33 -3.36 -30.45
N ALA A 538 -10.66 -2.91 -31.65
CA ALA A 538 -9.70 -2.89 -32.75
C ALA A 538 -8.50 -2.00 -32.41
N ALA A 539 -8.74 -0.91 -31.69
CA ALA A 539 -7.68 0.01 -31.31
C ALA A 539 -6.68 -0.65 -30.35
N TYR A 540 -7.09 -1.72 -29.68
CA TYR A 540 -6.20 -2.48 -28.81
C TYR A 540 -5.53 -3.63 -29.56
N GLY A 541 -5.73 -3.68 -30.87
CA GLY A 541 -5.16 -4.73 -31.70
C GLY A 541 -5.91 -6.03 -31.53
N ILE A 542 -7.16 -5.94 -31.08
CA ILE A 542 -7.97 -7.12 -30.82
C ILE A 542 -8.92 -7.35 -31.99
N ASP A 543 -8.73 -8.44 -32.71
CA ASP A 543 -9.55 -8.76 -33.88
C ASP A 543 -10.94 -9.23 -33.44
N PRO A 544 -11.97 -8.38 -33.62
CA PRO A 544 -13.30 -8.68 -33.09
C PRO A 544 -14.03 -9.78 -33.87
N THR A 545 -13.37 -10.36 -34.87
CA THR A 545 -13.95 -11.46 -35.63
C THR A 545 -13.53 -12.83 -35.08
N LEU A 546 -12.52 -12.84 -34.22
CA LEU A 546 -12.04 -14.07 -33.62
C LEU A 546 -12.96 -14.51 -32.49
N PRO A 547 -13.24 -15.82 -32.40
CA PRO A 547 -14.12 -16.41 -31.39
C PRO A 547 -13.88 -15.91 -29.97
N ILE A 548 -12.63 -15.86 -29.51
CA ILE A 548 -12.36 -15.44 -28.14
C ILE A 548 -12.59 -13.94 -27.95
N ASN A 549 -12.76 -13.22 -29.06
CA ASN A 549 -12.96 -11.77 -28.98
C ASN A 549 -14.40 -11.35 -29.23
N GLN A 550 -15.29 -12.33 -29.34
CA GLN A 550 -16.71 -12.05 -29.55
C GLN A 550 -17.49 -12.17 -28.25
N LEU A 551 -18.59 -11.43 -28.16
CA LEU A 551 -19.42 -11.50 -26.98
C LEU A 551 -20.36 -12.70 -27.08
N THR A 552 -20.12 -13.70 -26.22
CA THR A 552 -20.97 -14.88 -26.16
C THR A 552 -21.53 -15.06 -24.75
N GLY A 553 -22.74 -15.58 -24.65
CA GLY A 553 -23.38 -15.77 -23.36
C GLY A 553 -23.82 -14.44 -22.77
N SER A 554 -24.07 -14.44 -21.47
CA SER A 554 -24.52 -13.24 -20.77
C SER A 554 -23.68 -13.00 -19.53
N TYR A 555 -23.21 -11.76 -19.37
CA TYR A 555 -22.45 -11.40 -18.17
C TYR A 555 -23.38 -10.86 -17.10
N GLN A 556 -23.69 -11.69 -16.11
CA GLN A 556 -24.63 -11.31 -15.06
C GLN A 556 -23.91 -10.67 -13.88
N ARG A 557 -24.32 -9.48 -13.49
CA ARG A 557 -23.70 -8.85 -12.32
C ARG A 557 -24.22 -9.47 -11.04
N ASN A 558 -23.28 -9.80 -10.16
CA ASN A 558 -23.55 -10.33 -8.84
C ASN A 558 -22.99 -9.38 -7.81
N TYR A 559 -23.54 -9.40 -6.60
CA TYR A 559 -22.96 -8.60 -5.53
C TYR A 559 -23.06 -9.35 -4.22
N ASN A 560 -22.00 -9.30 -3.44
CA ASN A 560 -22.00 -9.90 -2.12
C ASN A 560 -21.69 -8.82 -1.08
N GLY A 561 -22.68 -8.46 -0.27
CA GLY A 561 -22.52 -7.38 0.70
C GLY A 561 -21.62 -7.74 1.87
N ALA A 562 -21.48 -9.04 2.16
CA ALA A 562 -20.57 -9.46 3.23
C ALA A 562 -19.12 -9.19 2.82
N LEU A 563 -18.88 -9.22 1.52
CA LEU A 563 -17.54 -9.01 0.98
C LEU A 563 -17.34 -7.59 0.43
N ALA A 564 -18.44 -6.87 0.26
CA ALA A 564 -18.49 -5.63 -0.52
C ALA A 564 -17.86 -5.83 -1.90
N ALA A 565 -18.30 -6.88 -2.58
CA ALA A 565 -17.68 -7.29 -3.84
C ALA A 565 -18.69 -7.54 -4.95
N PRO A 566 -18.57 -6.82 -6.07
CA PRO A 566 -19.34 -7.13 -7.27
C PRO A 566 -18.52 -8.02 -8.20
N TRP A 567 -19.20 -8.76 -9.05
CA TRP A 567 -18.53 -9.48 -10.12
C TRP A 567 -19.48 -9.78 -11.25
N LEU A 568 -18.90 -10.19 -12.36
CA LEU A 568 -19.67 -10.69 -13.49
C LEU A 568 -19.50 -12.19 -13.58
N TRP A 569 -20.61 -12.89 -13.73
CA TRP A 569 -20.58 -14.33 -13.96
C TRP A 569 -21.22 -14.62 -15.29
N ASN A 570 -20.45 -15.22 -16.19
CA ASN A 570 -20.95 -15.69 -17.47
C ASN A 570 -21.07 -17.20 -17.42
N ALA A 571 -22.28 -17.68 -17.18
CA ALA A 571 -22.51 -19.11 -16.98
C ALA A 571 -22.19 -19.92 -18.22
N GLY A 572 -22.43 -19.33 -19.39
CA GLY A 572 -22.16 -20.00 -20.66
C GLY A 572 -20.68 -20.27 -20.86
N LYS A 573 -19.83 -19.31 -20.48
CA LYS A 573 -18.38 -19.46 -20.64
C LYS A 573 -17.71 -19.94 -19.36
N LYS A 574 -18.48 -20.00 -18.28
CA LYS A 574 -17.95 -20.23 -16.94
C LYS A 574 -16.86 -19.22 -16.62
N VAL A 575 -17.13 -17.95 -16.94
CA VAL A 575 -16.17 -16.86 -16.71
C VAL A 575 -16.59 -16.00 -15.53
N PHE A 576 -15.66 -15.80 -14.60
CA PHE A 576 -15.84 -14.95 -13.42
C PHE A 576 -14.91 -13.75 -13.56
N LEU A 577 -15.47 -12.54 -13.58
CA LEU A 577 -14.65 -11.33 -13.63
C LEU A 577 -14.90 -10.53 -12.37
N SER A 578 -13.87 -10.35 -11.54
CA SER A 578 -14.02 -9.53 -10.35
C SER A 578 -14.03 -8.06 -10.72
N THR A 579 -15.05 -7.33 -10.28
CA THR A 579 -15.19 -5.94 -10.65
C THR A 579 -15.19 -5.02 -9.42
N GLU A 580 -15.26 -3.71 -9.68
CA GLU A 580 -15.36 -2.71 -8.64
C GLU A 580 -16.23 -1.62 -9.23
N ASP A 581 -17.35 -1.29 -8.59
CA ASP A 581 -18.21 -0.26 -9.18
C ASP A 581 -18.88 0.58 -8.11
N GLU A 582 -19.94 1.31 -8.46
CA GLU A 582 -20.46 2.32 -7.55
C GLU A 582 -20.97 1.72 -6.24
N GLN A 583 -21.48 0.50 -6.29
CA GLN A 583 -22.04 -0.09 -5.08
C GLN A 583 -20.92 -0.43 -4.09
N SER A 584 -19.83 -1.00 -4.58
CA SER A 584 -18.75 -1.40 -3.68
C SER A 584 -17.92 -0.20 -3.24
N ILE A 585 -17.73 0.77 -4.13
CA ILE A 585 -17.05 1.99 -3.76
C ILE A 585 -17.84 2.73 -2.67
N ALA A 586 -19.18 2.75 -2.77
CA ALA A 586 -19.96 3.43 -1.74
C ALA A 586 -19.84 2.73 -0.40
N GLN A 587 -19.85 1.40 -0.43
CA GLN A 587 -19.71 0.62 0.78
C GLN A 587 -18.31 0.81 1.41
N LYS A 588 -17.26 0.83 0.59
CA LYS A 588 -15.91 1.05 1.11
C LYS A 588 -15.74 2.47 1.60
N ALA A 589 -16.36 3.42 0.90
CA ALA A 589 -16.29 4.82 1.29
C ALA A 589 -16.94 5.04 2.65
N ALA A 590 -18.04 4.35 2.92
CA ALA A 590 -18.69 4.48 4.22
C ALA A 590 -17.75 3.98 5.31
N TRP A 591 -17.07 2.88 5.02
CA TRP A 591 -16.12 2.26 5.94
C TRP A 591 -14.92 3.18 6.22
N ILE A 592 -14.45 3.85 5.18
CA ILE A 592 -13.38 4.85 5.30
C ILE A 592 -13.79 5.97 6.25
N ASP A 593 -14.98 6.51 6.04
CA ASP A 593 -15.42 7.64 6.83
C ASP A 593 -15.67 7.23 8.28
N ALA A 594 -16.30 6.07 8.48
CA ALA A 594 -16.64 5.62 9.82
C ALA A 594 -15.41 5.30 10.67
N ASN A 595 -14.35 4.82 10.02
CA ASN A 595 -13.09 4.54 10.71
C ASN A 595 -12.11 5.70 10.70
N ASN A 596 -12.53 6.83 10.11
CA ASN A 596 -11.69 8.00 9.91
C ASN A 596 -10.32 7.65 9.35
N VAL A 597 -10.32 6.78 8.33
CA VAL A 597 -9.11 6.39 7.64
C VAL A 597 -8.57 7.59 6.85
N GLY A 598 -7.26 7.62 6.64
CA GLY A 598 -6.65 8.76 5.97
C GLY A 598 -7.26 9.07 4.61
N GLY A 599 -7.59 8.01 3.87
CA GLY A 599 -8.13 8.20 2.53
C GLY A 599 -8.10 6.94 1.69
N VAL A 600 -8.26 7.14 0.39
CA VAL A 600 -8.39 6.07 -0.57
C VAL A 600 -7.40 6.29 -1.70
N MET A 601 -6.77 5.21 -2.14
CA MET A 601 -5.87 5.24 -3.28
C MET A 601 -6.50 4.34 -4.36
N PHE A 602 -6.28 4.61 -5.64
CA PHE A 602 -6.76 3.68 -6.65
C PHE A 602 -5.77 3.51 -7.79
N TRP A 603 -5.72 2.28 -8.30
CA TRP A 603 -4.99 1.94 -9.51
C TRP A 603 -6.04 1.52 -10.54
N GLU A 604 -6.14 2.17 -11.71
CA GLU A 604 -5.41 3.36 -12.11
C GLU A 604 -6.43 4.34 -12.70
N LEU A 605 -6.03 5.59 -12.88
CA LEU A 605 -6.95 6.62 -13.34
C LEU A 605 -7.66 6.25 -14.65
N ALA A 606 -6.93 5.63 -15.58
CA ALA A 606 -7.48 5.32 -16.90
C ALA A 606 -8.58 4.26 -16.89
N GLY A 607 -8.73 3.56 -15.77
CA GLY A 607 -9.75 2.53 -15.66
C GLY A 607 -11.13 3.03 -15.25
N ASP A 608 -11.22 4.25 -14.75
CA ASP A 608 -12.50 4.81 -14.30
C ASP A 608 -13.37 5.09 -15.54
N TYR A 609 -14.69 5.20 -15.34
CA TYR A 609 -15.60 5.14 -16.48
C TYR A 609 -16.71 6.20 -16.46
N ASP A 610 -17.28 6.45 -17.64
CA ASP A 610 -18.51 7.21 -17.81
C ASP A 610 -19.27 6.66 -19.01
N TRP A 611 -20.58 6.88 -19.02
CA TRP A 611 -21.38 6.57 -20.19
C TRP A 611 -21.17 7.66 -21.25
N LYS A 612 -20.80 7.23 -22.45
CA LYS A 612 -20.58 8.17 -23.55
C LYS A 612 -21.61 7.96 -24.65
N ALA A 613 -22.65 8.79 -24.63
CA ALA A 613 -23.82 8.61 -25.50
C ALA A 613 -23.51 8.68 -26.99
N GLN A 614 -22.51 9.48 -27.36
CA GLN A 614 -22.15 9.69 -28.76
C GLN A 614 -21.28 8.58 -29.32
N ARG A 615 -20.60 7.82 -28.46
CA ARG A 615 -19.75 6.73 -28.95
C ARG A 615 -20.59 5.62 -29.61
N ASN A 616 -19.91 4.73 -30.32
CA ASN A 616 -20.55 3.57 -30.94
C ASN A 616 -21.65 4.01 -31.91
N ASN A 617 -21.30 4.91 -32.82
CA ASN A 617 -22.22 5.43 -33.83
C ASN A 617 -23.48 6.07 -33.23
N GLY A 618 -23.33 6.70 -32.07
CA GLY A 618 -24.45 7.37 -31.43
C GLY A 618 -25.32 6.47 -30.59
N GLN A 619 -24.99 5.18 -30.57
CA GLN A 619 -25.74 4.22 -29.77
C GLN A 619 -25.28 4.25 -28.31
N GLY A 620 -24.02 4.60 -28.11
CA GLY A 620 -23.49 4.78 -26.78
C GLY A 620 -22.76 3.56 -26.24
N GLU A 621 -21.82 3.81 -25.34
CA GLU A 621 -21.09 2.76 -24.61
C GLU A 621 -20.32 3.42 -23.47
N TYR A 622 -19.84 2.62 -22.54
CA TYR A 622 -18.95 3.14 -21.50
C TYR A 622 -17.53 3.32 -22.03
N PHE A 623 -16.84 4.29 -21.49
CA PHE A 623 -15.47 4.54 -21.90
C PHE A 623 -14.81 5.28 -20.74
N ILE A 624 -13.62 5.78 -20.98
CA ILE A 624 -12.85 6.49 -19.97
C ILE A 624 -13.65 7.63 -19.35
N GLY A 625 -13.69 7.68 -18.02
CA GLY A 625 -14.45 8.70 -17.35
C GLY A 625 -14.09 8.83 -15.89
N THR A 626 -15.00 9.40 -15.10
CA THR A 626 -14.67 9.72 -13.71
C THR A 626 -15.76 9.33 -12.70
N THR A 627 -16.59 8.35 -13.03
CA THR A 627 -17.71 7.99 -12.14
C THR A 627 -17.26 7.60 -10.72
N LEU A 628 -16.29 6.71 -10.61
CA LEU A 628 -15.89 6.22 -9.29
C LEU A 628 -15.15 7.29 -8.47
N THR A 629 -14.24 8.01 -9.12
CA THR A 629 -13.55 9.10 -8.44
C THR A 629 -14.53 10.20 -8.04
N SER A 630 -15.52 10.45 -8.88
CA SER A 630 -16.53 11.46 -8.56
C SER A 630 -17.36 11.05 -7.36
N LEU A 631 -17.66 9.76 -7.27
CA LEU A 631 -18.40 9.24 -6.11
C LEU A 631 -17.56 9.39 -4.85
N LEU A 632 -16.28 9.04 -4.92
CA LEU A 632 -15.39 9.21 -3.78
C LEU A 632 -15.32 10.69 -3.35
N TYR A 633 -15.09 11.56 -4.32
CA TYR A 633 -14.97 12.99 -4.04
C TYR A 633 -16.26 13.59 -3.48
N ASN A 634 -17.40 13.24 -4.07
CA ASN A 634 -18.67 13.78 -3.60
C ASN A 634 -18.99 13.31 -2.18
N THR A 635 -18.57 12.10 -1.87
CA THR A 635 -18.76 11.56 -0.53
C THR A 635 -17.85 12.25 0.48
N PHE A 636 -16.58 12.44 0.11
CA PHE A 636 -15.59 12.93 1.07
C PHE A 636 -15.45 14.47 1.16
N SER A 637 -16.15 15.22 0.31
CA SER A 637 -16.07 16.68 0.34
C SER A 637 -17.36 17.31 0.90
N GLN A 638 -18.27 16.45 1.33
CA GLN A 638 -19.52 16.85 1.97
C GLN A 638 -19.61 16.16 3.33
N PRO A 639 -20.47 16.66 4.24
CA PRO A 639 -20.54 16.02 5.57
C PRO A 639 -20.80 14.51 5.49
N PRO A 640 -20.22 13.75 6.43
CA PRO A 640 -20.39 12.30 6.49
C PRO A 640 -21.86 11.91 6.59
N LYS A 641 -22.28 10.84 5.91
CA LYS A 641 -23.64 10.33 6.01
C LYS A 641 -23.98 9.89 7.43
N VAL A 642 -23.00 9.29 8.10
CA VAL A 642 -23.17 8.79 9.45
C VAL A 642 -22.37 9.66 10.40
N SER A 643 -22.97 10.06 11.51
CA SER A 643 -22.27 10.92 12.46
C SER A 643 -21.61 10.10 13.56
N ALA A 652 -4.91 9.93 29.45
CA ALA A 652 -3.57 10.01 28.87
C ALA A 652 -2.54 10.42 29.91
N PRO A 653 -1.39 9.73 29.93
CA PRO A 653 -0.32 10.05 30.88
C PRO A 653 0.14 11.50 30.76
N THR A 654 0.50 12.09 31.89
CA THR A 654 0.97 13.46 31.91
C THR A 654 2.47 13.51 32.13
N ALA A 655 3.06 12.33 32.34
CA ALA A 655 4.50 12.21 32.52
C ALA A 655 5.04 11.04 31.70
N ALA A 656 6.34 11.07 31.43
CA ALA A 656 6.94 10.00 30.64
C ALA A 656 8.16 9.42 31.34
N ILE A 657 8.61 8.27 30.85
CA ILE A 657 9.87 7.69 31.33
C ILE A 657 10.60 7.13 30.12
N ASP A 658 11.92 7.17 30.11
CA ASP A 658 12.66 6.70 28.94
C ASP A 658 12.92 5.20 29.03
N VAL A 659 11.90 4.42 28.65
CA VAL A 659 12.01 2.98 28.55
C VAL A 659 11.77 2.64 27.08
N GLY A 660 12.65 1.82 26.51
CA GLY A 660 12.55 1.47 25.11
C GLY A 660 12.01 0.06 24.91
N PHE A 661 11.25 -0.13 23.84
CA PHE A 661 10.67 -1.43 23.51
C PHE A 661 10.93 -1.76 22.04
N SER A 662 11.30 -3.01 21.76
CA SER A 662 11.36 -3.44 20.36
C SER A 662 11.24 -4.95 20.21
N LEU A 663 10.55 -5.37 19.15
CA LEU A 663 10.50 -6.77 18.75
C LEU A 663 11.59 -7.04 17.72
N GLY A 664 12.32 -8.14 17.88
CA GLY A 664 13.38 -8.47 16.96
C GLY A 664 13.68 -9.97 17.00
N GLY A 665 14.77 -10.38 16.36
CA GLY A 665 15.12 -11.79 16.31
C GLY A 665 14.10 -12.62 15.54
N PHE A 666 13.55 -12.03 14.48
CA PHE A 666 12.63 -12.75 13.60
C PHE A 666 13.39 -13.79 12.77
N LYS A 667 12.81 -14.97 12.57
CA LYS A 667 13.36 -15.93 11.64
C LYS A 667 13.03 -15.50 10.20
N LEU A 668 13.64 -16.16 9.22
CA LEU A 668 13.22 -15.99 7.84
C LEU A 668 11.74 -16.31 7.75
N GLY A 669 11.05 -15.62 6.84
CA GLY A 669 9.60 -15.69 6.79
C GLY A 669 8.96 -17.05 6.74
N ASP A 670 9.54 -17.96 5.96
CA ASP A 670 8.93 -19.29 5.80
C ASP A 670 9.00 -20.10 7.10
N GLN A 671 9.84 -19.65 8.04
CA GLN A 671 10.04 -20.34 9.32
C GLN A 671 9.27 -19.64 10.43
N ASN A 672 8.62 -18.53 10.08
CA ASN A 672 7.95 -17.66 11.05
C ASN A 672 6.52 -18.11 11.32
N TYR A 673 6.34 -19.40 11.60
CA TYR A 673 5.06 -19.96 12.02
C TYR A 673 5.26 -20.76 13.31
N PRO A 674 4.66 -20.32 14.42
CA PRO A 674 3.97 -19.04 14.62
C PRO A 674 4.99 -17.93 14.66
N ILE A 675 4.53 -16.70 14.84
CA ILE A 675 5.43 -15.56 14.85
C ILE A 675 5.99 -15.38 16.26
N ASN A 676 7.27 -15.66 16.44
CA ASN A 676 7.82 -15.62 17.80
C ASN A 676 9.13 -14.83 17.93
N PRO A 677 9.03 -13.51 17.78
CA PRO A 677 10.19 -12.64 17.99
C PRO A 677 10.50 -12.47 19.46
N LYS A 678 11.64 -11.85 19.74
CA LYS A 678 12.02 -11.53 21.10
C LYS A 678 11.66 -10.07 21.40
N LEU A 679 11.00 -9.84 22.52
CA LEU A 679 10.75 -8.47 22.98
C LEU A 679 11.88 -8.01 23.91
N THR A 680 12.53 -6.91 23.54
CA THR A 680 13.59 -6.36 24.38
C THR A 680 13.11 -5.06 25.01
N ILE A 681 13.26 -4.96 26.32
CA ILE A 681 12.86 -3.78 27.07
C ILE A 681 14.11 -3.19 27.69
N VAL A 682 14.36 -1.90 27.46
CA VAL A 682 15.57 -1.26 27.96
C VAL A 682 15.20 -0.08 28.87
N ASN A 683 15.76 -0.10 30.08
CA ASN A 683 15.54 0.99 31.02
C ASN A 683 16.60 2.07 30.83
N ARG A 684 16.23 3.19 30.22
CA ARG A 684 17.17 4.30 30.03
C ARG A 684 16.91 5.44 31.01
N SER A 685 16.16 5.16 32.07
CA SER A 685 16.08 6.11 33.16
C SER A 685 17.27 5.91 34.11
N GLN A 686 17.36 6.72 35.15
CA GLN A 686 18.35 6.53 36.19
C GLN A 686 17.73 5.88 37.43
N THR A 687 16.55 5.28 37.25
CA THR A 687 15.85 4.60 38.33
C THR A 687 15.81 3.10 38.11
N THR A 688 15.85 2.34 39.20
CA THR A 688 15.60 0.90 39.12
C THR A 688 14.09 0.68 39.00
N LEU A 689 13.67 -0.11 38.01
CA LEU A 689 12.26 -0.49 37.94
C LEU A 689 12.06 -1.71 38.81
N PRO A 690 11.25 -1.59 39.87
CA PRO A 690 11.06 -2.68 40.82
C PRO A 690 10.28 -3.84 40.19
N GLY A 691 10.43 -5.04 40.75
CA GLY A 691 9.58 -6.14 40.36
C GLY A 691 8.13 -5.75 40.50
N GLY A 692 7.27 -6.23 39.61
CA GLY A 692 5.88 -5.84 39.63
C GLY A 692 5.58 -4.65 38.73
N THR A 693 6.61 -3.97 38.24
CA THR A 693 6.42 -2.86 37.30
C THR A 693 5.66 -3.37 36.07
N GLU A 694 4.61 -2.66 35.65
CA GLU A 694 3.75 -3.16 34.57
C GLU A 694 3.96 -2.43 33.26
N PHE A 695 4.18 -3.19 32.19
CA PHE A 695 4.31 -2.61 30.87
C PHE A 695 3.05 -2.96 30.09
N GLN A 696 2.44 -1.96 29.46
CA GLN A 696 1.31 -2.23 28.56
C GLN A 696 1.58 -1.63 27.19
N PHE A 697 0.95 -2.20 26.16
CA PHE A 697 1.03 -1.63 24.83
C PHE A 697 -0.11 -2.17 23.97
N ASP A 698 -0.41 -1.45 22.90
CA ASP A 698 -1.45 -1.85 21.96
C ASP A 698 -0.89 -2.75 20.86
N VAL A 699 -1.52 -3.91 20.68
CA VAL A 699 -1.23 -4.78 19.55
C VAL A 699 -2.41 -4.69 18.59
N PRO A 700 -2.14 -4.47 17.29
CA PRO A 700 -3.29 -4.34 16.39
C PRO A 700 -4.09 -5.64 16.31
N THR A 701 -5.38 -5.51 16.04
CA THR A 701 -6.28 -6.66 15.99
C THR A 701 -6.10 -7.53 14.74
N SER A 702 -5.11 -7.21 13.93
CA SER A 702 -4.71 -8.10 12.84
C SER A 702 -4.27 -9.46 13.39
N ALA A 703 -3.75 -9.47 14.61
CA ALA A 703 -3.40 -10.73 15.28
C ALA A 703 -4.49 -11.07 16.26
N PRO A 704 -4.82 -12.37 16.36
CA PRO A 704 -5.81 -12.84 17.33
C PRO A 704 -5.41 -12.45 18.75
N ALA A 705 -6.40 -12.29 19.64
CA ALA A 705 -6.12 -11.76 20.97
C ALA A 705 -5.63 -12.85 21.92
N ASN A 706 -4.77 -13.74 21.42
CA ASN A 706 -4.21 -14.80 22.26
C ASN A 706 -2.69 -14.71 22.37
N ILE A 707 -2.15 -13.52 22.11
CA ILE A 707 -0.73 -13.28 22.21
C ILE A 707 -0.22 -13.66 23.61
N ALA A 708 0.94 -14.29 23.68
CA ALA A 708 1.46 -14.77 24.95
C ALA A 708 2.98 -14.69 24.93
N ASP A 709 3.62 -15.01 26.05
CA ASP A 709 5.08 -15.11 26.02
C ASP A 709 5.52 -16.52 26.35
N GLN A 710 6.73 -16.87 25.93
CA GLN A 710 7.27 -18.21 26.11
C GLN A 710 8.33 -18.26 27.21
N SER A 711 8.41 -17.21 28.01
CA SER A 711 9.48 -17.08 28.98
C SER A 711 8.98 -17.15 30.41
N GLY A 712 7.70 -17.45 30.57
CA GLY A 712 7.10 -17.58 31.88
C GLY A 712 6.73 -16.26 32.55
N PHE A 713 6.72 -15.18 31.78
CA PHE A 713 6.39 -13.83 32.27
C PHE A 713 4.88 -13.61 32.50
N GLY A 714 4.04 -14.38 31.82
CA GLY A 714 2.59 -14.21 31.95
C GLY A 714 2.00 -13.06 31.15
N LEU A 715 2.66 -12.67 30.07
CA LEU A 715 2.11 -11.68 29.14
C LEU A 715 0.72 -12.08 28.68
N LYS A 716 -0.22 -11.13 28.69
CA LYS A 716 -1.58 -11.45 28.24
C LYS A 716 -2.34 -10.23 27.79
N VAL A 717 -3.44 -10.44 27.07
CA VAL A 717 -4.33 -9.36 26.71
C VAL A 717 -5.19 -8.96 27.90
N VAL A 718 -5.18 -7.68 28.25
CA VAL A 718 -6.00 -7.19 29.34
C VAL A 718 -7.24 -6.48 28.83
N SER A 719 -7.23 -6.14 27.55
CA SER A 719 -8.35 -5.44 26.93
C SER A 719 -8.47 -5.85 25.48
N ALA A 720 -9.45 -6.69 25.17
CA ALA A 720 -9.60 -7.20 23.81
C ALA A 720 -10.48 -6.28 22.97
N GLY A 721 -9.89 -5.67 21.95
CA GLY A 721 -10.67 -4.86 21.03
C GLY A 721 -11.44 -5.72 20.05
N HIS A 722 -10.99 -6.95 19.88
CA HIS A 722 -11.70 -7.89 19.02
C HIS A 722 -11.69 -9.30 19.56
N SER A 723 -12.88 -9.92 19.59
CA SER A 723 -13.01 -11.32 19.94
C SER A 723 -13.92 -12.01 18.92
N GLY A 724 -13.70 -13.30 18.73
CA GLY A 724 -14.52 -14.08 17.81
C GLY A 724 -14.12 -13.89 16.38
N SER A 725 -14.95 -14.40 15.48
CA SER A 725 -14.72 -14.28 14.04
C SER A 725 -14.67 -12.81 13.60
N ASN A 726 -13.96 -12.52 12.51
CA ASN A 726 -13.95 -11.17 11.96
C ASN A 726 -14.86 -11.05 10.73
N VAL A 727 -15.84 -11.94 10.62
CA VAL A 727 -16.87 -11.74 9.60
C VAL A 727 -17.60 -10.43 9.91
N GLY A 728 -17.72 -9.58 8.90
CA GLY A 728 -18.35 -8.28 9.09
C GLY A 728 -17.39 -7.24 9.61
N GLY A 729 -16.11 -7.62 9.70
CA GLY A 729 -15.05 -6.70 10.08
C GLY A 729 -14.52 -6.91 11.48
N LEU A 730 -13.25 -6.53 11.70
CA LEU A 730 -12.68 -6.55 13.04
C LEU A 730 -13.42 -5.51 13.89
N LYS A 731 -13.65 -5.81 15.17
CA LYS A 731 -14.56 -5.02 15.99
C LYS A 731 -13.89 -3.91 16.78
N GLY A 732 -12.58 -3.79 16.64
CA GLY A 732 -11.83 -2.73 17.29
C GLY A 732 -10.44 -2.63 16.69
N ASP A 733 -9.70 -1.59 17.09
CA ASP A 733 -8.35 -1.35 16.60
C ASP A 733 -7.26 -2.15 17.34
N PHE A 734 -7.37 -2.23 18.66
CA PHE A 734 -6.27 -2.80 19.44
C PHE A 734 -6.69 -3.78 20.50
N ASN A 735 -5.83 -4.76 20.71
CA ASN A 735 -5.86 -5.57 21.90
C ASN A 735 -4.76 -5.08 22.82
N ARG A 736 -5.10 -4.51 23.97
CA ARG A 736 -4.05 -4.01 24.84
C ARG A 736 -3.47 -5.15 25.67
N VAL A 737 -2.15 -5.22 25.68
CA VAL A 737 -1.41 -6.30 26.31
C VAL A 737 -0.72 -5.80 27.58
N SER A 738 -0.61 -6.65 28.58
CA SER A 738 0.13 -6.32 29.80
C SER A 738 1.17 -7.40 30.08
N VAL A 739 2.38 -6.96 30.42
CA VAL A 739 3.35 -7.88 30.99
C VAL A 739 4.04 -7.17 32.14
N LYS A 740 4.27 -7.89 33.23
CA LYS A 740 4.89 -7.31 34.41
C LYS A 740 6.27 -7.93 34.65
N LEU A 741 7.20 -7.13 35.16
CA LEU A 741 8.39 -7.73 35.77
C LEU A 741 7.89 -8.64 36.89
N PRO A 742 8.49 -9.84 37.02
CA PRO A 742 8.14 -10.68 38.16
C PRO A 742 8.38 -9.94 39.44
N SER A 743 7.62 -10.29 40.48
CA SER A 743 7.71 -9.61 41.76
C SER A 743 9.15 -9.56 42.27
N TRP A 744 9.95 -10.57 41.92
CA TRP A 744 11.31 -10.69 42.45
C TRP A 744 12.38 -10.10 41.54
N GLN A 745 11.98 -9.59 40.38
CA GLN A 745 12.94 -9.20 39.36
C GLN A 745 12.87 -7.72 39.00
N SER A 746 13.93 -6.99 39.29
CA SER A 746 14.00 -5.58 38.95
C SER A 746 14.67 -5.38 37.60
N LEU A 747 14.55 -4.19 37.04
CA LEU A 747 15.28 -3.82 35.83
C LEU A 747 16.10 -2.58 36.14
N GLY A 748 17.42 -2.75 36.22
CA GLY A 748 18.29 -1.67 36.66
C GLY A 748 18.45 -0.57 35.64
N ALA A 749 18.88 0.60 36.10
CA ALA A 749 19.15 1.72 35.21
C ALA A 749 20.17 1.32 34.13
N GLY A 750 19.83 1.57 32.87
CA GLY A 750 20.70 1.29 31.76
C GLY A 750 20.67 -0.16 31.29
N GLN A 751 19.86 -0.98 31.97
CA GLN A 751 19.87 -2.42 31.70
C GLN A 751 18.71 -2.88 30.82
N SER A 752 18.85 -4.07 30.24
CA SER A 752 17.78 -4.63 29.41
C SER A 752 17.29 -5.98 29.93
N VAL A 753 16.06 -6.32 29.54
CA VAL A 753 15.53 -7.65 29.77
C VAL A 753 14.83 -8.09 28.49
N THR A 754 14.88 -9.38 28.17
CA THR A 754 14.22 -9.88 26.98
C THR A 754 13.24 -11.00 27.30
N LEU A 755 12.22 -11.12 26.48
CA LEU A 755 11.29 -12.24 26.60
C LEU A 755 10.81 -12.64 25.21
N ASP A 756 10.56 -13.93 25.03
CA ASP A 756 10.05 -14.43 23.76
C ASP A 756 8.53 -14.32 23.78
N VAL A 757 7.98 -13.73 22.73
CA VAL A 757 6.52 -13.63 22.64
C VAL A 757 6.06 -14.48 21.48
N VAL A 758 4.77 -14.81 21.44
CA VAL A 758 4.23 -15.58 20.33
C VAL A 758 2.88 -15.01 19.94
N TYR A 759 2.68 -14.78 18.65
CA TYR A 759 1.36 -14.43 18.13
C TYR A 759 1.20 -15.04 16.74
N TYR A 760 0.00 -14.98 16.16
CA TYR A 760 -0.32 -15.89 15.06
C TYR A 760 -0.57 -15.28 13.69
N LEU A 761 -0.79 -13.97 13.63
CA LEU A 761 -0.82 -13.26 12.35
C LEU A 761 0.05 -12.01 12.47
N PRO A 762 0.52 -11.49 11.33
CA PRO A 762 1.44 -10.34 11.40
C PRO A 762 0.88 -9.10 12.08
N ILE A 763 1.78 -8.34 12.72
CA ILE A 763 1.47 -7.05 13.29
C ILE A 763 2.54 -6.04 12.92
N SER A 764 2.19 -4.76 12.93
CA SER A 764 3.17 -3.69 12.91
C SER A 764 3.17 -3.06 14.31
N GLY A 765 4.10 -2.14 14.54
CA GLY A 765 4.26 -1.58 15.88
C GLY A 765 5.03 -2.54 16.77
N PRO A 766 4.51 -2.82 17.98
CA PRO A 766 3.32 -2.27 18.63
C PRO A 766 3.45 -0.76 18.91
N SER A 767 2.47 -0.20 19.61
CA SER A 767 2.50 1.23 19.90
C SER A 767 1.72 1.52 21.18
N HIS A 768 1.80 2.78 21.61
CA HIS A 768 1.05 3.27 22.77
C HIS A 768 1.45 2.57 24.05
N TYR A 769 2.75 2.62 24.33
CA TYR A 769 3.34 2.00 25.51
C TYR A 769 3.08 2.79 26.77
N THR A 770 2.83 2.08 27.87
CA THR A 770 2.87 2.72 29.18
C THR A 770 3.68 1.90 30.17
N VAL A 771 4.24 2.59 31.15
CA VAL A 771 4.98 1.94 32.22
C VAL A 771 4.28 2.26 33.53
N GLY A 772 3.83 1.21 34.23
CA GLY A 772 3.15 1.37 35.50
C GLY A 772 4.15 1.17 36.62
N LEU A 773 4.50 2.27 37.28
CA LEU A 773 5.63 2.29 38.21
C LEU A 773 5.22 2.93 39.52
N ASN A 774 5.29 2.15 40.61
CA ASN A 774 4.92 2.63 41.95
C ASN A 774 3.62 3.42 41.99
N GLY A 775 2.57 2.89 41.36
CA GLY A 775 1.26 3.49 41.44
C GLY A 775 0.92 4.56 40.42
N LYS A 776 1.90 4.93 39.59
CA LYS A 776 1.68 5.96 38.58
C LYS A 776 1.94 5.39 37.18
N THR A 777 1.20 5.89 36.19
CA THR A 777 1.34 5.39 34.83
C THR A 777 2.02 6.43 33.93
N TYR A 778 3.11 6.01 33.29
CA TYR A 778 3.93 6.89 32.47
C TYR A 778 3.82 6.51 31.00
N ALA A 779 3.86 7.50 30.11
CA ALA A 779 4.10 7.22 28.71
C ALA A 779 5.61 7.00 28.55
N ILE A 780 6.05 6.60 27.37
CA ILE A 780 7.50 6.50 27.15
C ILE A 780 7.98 7.65 26.30
N ARG A 781 9.21 8.08 26.52
CA ARG A 781 9.77 9.23 25.85
C ARG A 781 9.88 9.02 24.34
N ASP A 782 10.03 7.78 23.90
CA ASP A 782 10.11 7.49 22.45
C ASP A 782 8.83 7.89 21.73
N GLU A 783 7.71 7.92 22.45
CA GLU A 783 6.43 8.28 21.86
C GLU A 783 5.93 9.64 22.33
N ALA A 784 6.42 10.07 23.48
CA ALA A 784 5.94 11.30 24.10
C ALA A 784 7.12 12.16 24.57
N PRO A 785 7.88 12.69 23.61
CA PRO A 785 9.16 13.36 23.91
C PRO A 785 9.03 14.70 24.61
N TYR A 786 7.84 15.29 24.65
CA TYR A 786 7.67 16.60 25.27
C TYR A 786 7.05 16.57 26.67
N LEU A 787 6.63 15.40 27.13
CA LEU A 787 6.14 15.29 28.50
C LEU A 787 7.31 15.43 29.48
N PRO A 788 7.06 16.03 30.65
CA PRO A 788 8.07 16.00 31.71
C PRO A 788 8.37 14.55 32.06
N TYR A 789 9.62 14.21 32.38
CA TYR A 789 9.96 12.80 32.50
C TYR A 789 10.71 12.46 33.77
N LEU A 790 10.61 11.18 34.13
CA LEU A 790 11.17 10.69 35.36
C LEU A 790 12.63 10.29 35.14
N ARG A 791 13.53 11.01 35.79
CA ARG A 791 14.94 10.67 35.76
C ARG A 791 15.28 9.85 36.98
N VAL A 792 14.95 10.38 38.15
CA VAL A 792 15.20 9.70 39.42
C VAL A 792 13.91 9.52 40.23
N LEU A 793 13.86 8.49 41.06
CA LEU A 793 12.65 8.17 41.81
C LEU A 793 12.97 7.79 43.24
CS CS B . 10.47 -15.90 34.12
CS CS C . -26.42 -8.89 -18.48
CS CS D . 1.04 -4.36 -7.02
CS CS E . 0.25 25.99 -22.56
CS CS F . -10.29 -23.98 7.27
CS CS G . -8.89 -2.08 23.49
CS CS H . -0.03 -3.73 -14.45
CS CS I . -25.96 12.10 10.32
CS CS J . 1.11 28.16 -24.78
CS CS K . -20.46 -10.49 13.00
CS CS L . -15.69 0.44 16.76
CS CS M . -2.46 -3.35 -9.54
CS CS N . -9.96 17.34 -16.98
CS CS O . -17.51 23.48 3.27
#